data_3V5D
#
_entry.id   3V5D
#
_cell.length_a   63.233
_cell.length_b   90.493
_cell.length_c   79.967
_cell.angle_alpha   90.00
_cell.angle_beta   90.06
_cell.angle_gamma   90.00
#
_symmetry.space_group_name_H-M   'P 1 21 1'
#
loop_
_entity.id
_entity.type
_entity.pdbx_description
1 polymer 'HLA class I histocompatibility antigen, A-2 alpha chain'
2 polymer Beta-2-microglobulin
3 polymer 'HIV peptide KVAELVHFL'
4 water water
#
loop_
_entity_poly.entity_id
_entity_poly.type
_entity_poly.pdbx_seq_one_letter_code
_entity_poly.pdbx_strand_id
1 'polypeptide(L)'
;GSHSMRYFFTSVSRPGRGEPRFIAVGYVDDTQFVRFDSDAASQRMEPRAPWIEQEGPEYWDGETRKVKAHSQTHRVDLGT
LRGYYNQSEAGSHTVQRMYGCDVGSDWRFLRGYHQYAYDGKDYIALKEDLRSWTAADMAAQTTKHKWEAAHVAEQLRAYL
EGTCVEWLRRYLENGKETLQRTDAPKTHMTHHAVSDHEATLRCWALSFYPAEITLTWQRDGEDQTQDTELVETRPAGDGT
FQKWAAVVVPSGQEQRYTCHVQHEGLPKPLTLRWE
;
A,D
2 'polypeptide(L)'
;MIQRTPKIQVYSRHPAENGKSNFLNCYVSGFHPSDIEVDLLKNGERIEKVEHSDLSFSKDWSFYLLYYTEFTPTEKDEYA
CRVNHVTLSQPKIVKWDRDM
;
B,E
3 'polypeptide(L)' KVAELVHFL C,F
#
# COMPACT_ATOMS: atom_id res chain seq x y z
N GLY A 1 25.60 0.30 18.47
CA GLY A 1 26.22 0.34 17.16
C GLY A 1 25.29 0.79 16.05
N SER A 2 25.78 0.76 14.80
CA SER A 2 25.02 1.14 13.61
C SER A 2 23.90 0.16 13.28
N HIS A 3 22.86 0.66 12.57
CA HIS A 3 21.69 -0.13 12.17
C HIS A 3 21.29 0.15 10.73
N SER A 4 20.48 -0.74 10.11
CA SER A 4 20.05 -0.58 8.73
C SER A 4 18.68 -1.18 8.43
N MET A 5 17.96 -0.57 7.47
CA MET A 5 16.70 -1.10 6.97
C MET A 5 16.94 -1.32 5.50
N ARG A 6 16.53 -2.49 5.00
CA ARG A 6 16.71 -2.82 3.59
C ARG A 6 15.47 -3.51 3.04
N TYR A 7 15.07 -3.12 1.83
CA TYR A 7 13.98 -3.77 1.11
C TYR A 7 14.57 -4.36 -0.17
N PHE A 8 14.28 -5.63 -0.44
CA PHE A 8 14.79 -6.34 -1.62
C PHE A 8 13.60 -6.79 -2.46
N PHE A 9 13.60 -6.45 -3.76
CA PHE A 9 12.52 -6.82 -4.68
C PHE A 9 13.09 -7.63 -5.84
N THR A 10 12.44 -8.75 -6.18
CA THR A 10 12.83 -9.60 -7.31
C THR A 10 11.60 -9.84 -8.20
N SER A 11 11.74 -9.47 -9.48
CA SER A 11 10.73 -9.70 -10.51
C SER A 11 11.30 -10.63 -11.58
N VAL A 12 10.60 -11.72 -11.90
CA VAL A 12 11.06 -12.69 -12.89
C VAL A 12 9.96 -12.94 -13.89
N SER A 13 10.21 -12.62 -15.17
CA SER A 13 9.22 -12.85 -16.24
C SER A 13 9.02 -14.34 -16.51
N ARG A 14 7.79 -14.73 -16.88
CA ARG A 14 7.44 -16.13 -17.15
C ARG A 14 6.71 -16.25 -18.50
N PRO A 15 7.47 -16.36 -19.62
CA PRO A 15 6.84 -16.42 -20.95
C PRO A 15 6.01 -17.67 -21.20
N GLY A 16 4.76 -17.43 -21.59
CA GLY A 16 3.78 -18.48 -21.89
C GLY A 16 3.10 -19.07 -20.67
N ARG A 17 3.39 -18.51 -19.47
CA ARG A 17 2.82 -18.97 -18.20
C ARG A 17 2.46 -17.87 -17.18
N GLY A 18 1.60 -16.96 -17.62
CA GLY A 18 1.05 -15.88 -16.80
C GLY A 18 1.95 -14.69 -16.49
N GLU A 19 1.53 -13.92 -15.46
CA GLU A 19 2.19 -12.71 -14.96
C GLU A 19 3.56 -12.99 -14.35
N PRO A 20 4.49 -12.00 -14.36
CA PRO A 20 5.82 -12.22 -13.75
C PRO A 20 5.75 -12.47 -12.25
N ARG A 21 6.75 -13.19 -11.72
CA ARG A 21 6.79 -13.43 -10.29
C ARG A 21 7.40 -12.21 -9.59
N PHE A 22 6.81 -11.79 -8.47
CA PHE A 22 7.29 -10.64 -7.70
C PHE A 22 7.39 -10.96 -6.21
N ILE A 23 8.62 -10.86 -5.63
CA ILE A 23 8.87 -11.10 -4.20
C ILE A 23 9.50 -9.87 -3.58
N ALA A 24 8.89 -9.39 -2.50
CA ALA A 24 9.39 -8.29 -1.68
C ALA A 24 9.72 -8.86 -0.32
N VAL A 25 10.87 -8.46 0.22
CA VAL A 25 11.34 -8.84 1.55
C VAL A 25 11.91 -7.58 2.15
N GLY A 26 11.66 -7.39 3.44
CA GLY A 26 12.16 -6.26 4.22
C GLY A 26 12.92 -6.75 5.41
N TYR A 27 14.09 -6.14 5.69
CA TYR A 27 14.98 -6.51 6.79
C TYR A 27 15.31 -5.29 7.61
N VAL A 28 15.60 -5.53 8.89
CA VAL A 28 16.12 -4.55 9.87
C VAL A 28 17.39 -5.27 10.32
N ASP A 29 18.56 -4.73 9.92
CA ASP A 29 19.86 -5.34 10.16
C ASP A 29 19.85 -6.76 9.52
N ASP A 30 20.10 -7.82 10.30
CA ASP A 30 20.09 -9.23 9.83
C ASP A 30 18.76 -9.98 10.09
N THR A 31 17.69 -9.27 10.52
CA THR A 31 16.39 -9.87 10.82
C THR A 31 15.32 -9.45 9.80
N GLN A 32 14.72 -10.43 9.09
CA GLN A 32 13.65 -10.20 8.14
C GLN A 32 12.38 -9.90 8.95
N PHE A 33 11.53 -8.99 8.46
CA PHE A 33 10.30 -8.64 9.18
C PHE A 33 9.03 -8.62 8.32
N VAL A 34 9.16 -8.48 6.99
CA VAL A 34 8.02 -8.45 6.07
C VAL A 34 8.25 -9.25 4.79
N ARG A 35 7.16 -9.72 4.15
CA ARG A 35 7.20 -10.39 2.87
C ARG A 35 5.95 -10.12 2.06
N PHE A 36 6.10 -10.18 0.73
CA PHE A 36 5.05 -10.12 -0.26
C PHE A 36 5.41 -11.10 -1.37
N ASP A 37 4.49 -12.03 -1.68
CA ASP A 37 4.67 -13.02 -2.74
C ASP A 37 3.45 -13.00 -3.65
N SER A 38 3.64 -12.60 -4.92
CA SER A 38 2.60 -12.52 -5.96
C SER A 38 1.93 -13.87 -6.23
N ASP A 39 2.61 -14.99 -5.90
CA ASP A 39 2.08 -16.34 -6.08
C ASP A 39 1.32 -16.86 -4.86
N ALA A 40 1.42 -16.18 -3.71
CA ALA A 40 0.69 -16.58 -2.49
C ALA A 40 -0.76 -16.10 -2.57
N ALA A 41 -1.69 -16.80 -1.88
CA ALA A 41 -3.11 -16.46 -1.91
C ALA A 41 -3.47 -15.12 -1.27
N SER A 42 -2.81 -14.75 -0.14
CA SER A 42 -3.10 -13.53 0.63
C SER A 42 -3.13 -12.19 -0.12
N GLN A 43 -2.21 -11.98 -1.10
CA GLN A 43 -2.09 -10.73 -1.88
C GLN A 43 -1.88 -9.52 -0.96
N ARG A 44 -1.11 -9.72 0.11
CA ARG A 44 -0.85 -8.70 1.11
C ARG A 44 0.56 -8.81 1.64
N MET A 45 1.08 -7.69 2.16
CA MET A 45 2.35 -7.66 2.89
C MET A 45 2.06 -8.44 4.17
N GLU A 46 2.95 -9.37 4.53
CA GLU A 46 2.75 -10.25 5.67
C GLU A 46 3.88 -10.13 6.70
N PRO A 47 3.57 -10.29 8.02
CA PRO A 47 4.64 -10.22 9.02
C PRO A 47 5.52 -11.47 9.02
N ARG A 48 6.82 -11.28 9.24
CA ARG A 48 7.80 -12.35 9.25
C ARG A 48 8.71 -12.26 10.47
N ALA A 49 8.25 -11.46 11.44
CA ALA A 49 8.87 -11.19 12.73
C ALA A 49 7.75 -10.97 13.73
N PRO A 50 7.89 -11.46 14.99
CA PRO A 50 6.79 -11.29 15.97
C PRO A 50 6.53 -9.86 16.40
N TRP A 51 7.56 -8.99 16.38
CA TRP A 51 7.47 -7.59 16.82
C TRP A 51 6.75 -6.62 15.88
N ILE A 52 6.32 -7.08 14.70
CA ILE A 52 5.58 -6.26 13.71
C ILE A 52 4.13 -6.79 13.52
N GLU A 53 3.85 -7.98 14.07
CA GLU A 53 2.56 -8.68 13.95
C GLU A 53 1.38 -7.86 14.44
N GLN A 54 1.59 -7.10 15.54
CA GLN A 54 0.57 -6.28 16.17
C GLN A 54 0.57 -4.82 15.72
N GLU A 55 1.15 -4.53 14.55
CA GLU A 55 1.20 -3.15 14.05
C GLU A 55 -0.19 -2.52 13.80
N GLY A 56 -1.14 -3.33 13.31
CA GLY A 56 -2.50 -2.89 13.07
C GLY A 56 -2.93 -2.79 11.62
N PRO A 57 -4.27 -2.65 11.37
CA PRO A 57 -4.78 -2.60 9.99
C PRO A 57 -4.31 -1.41 9.15
N GLU A 58 -4.11 -0.23 9.76
CA GLU A 58 -3.65 0.97 9.04
C GLU A 58 -2.23 0.71 8.48
N TYR A 59 -1.36 0.07 9.27
CA TYR A 59 -0.01 -0.25 8.83
C TYR A 59 -0.09 -1.25 7.69
N TRP A 60 -0.76 -2.39 7.97
CA TRP A 60 -0.94 -3.51 7.06
C TRP A 60 -1.56 -3.21 5.72
N ASP A 61 -2.67 -2.41 5.68
CA ASP A 61 -3.31 -2.04 4.41
C ASP A 61 -2.40 -1.15 3.57
N GLY A 62 -1.70 -0.22 4.23
CA GLY A 62 -0.81 0.74 3.61
C GLY A 62 0.40 0.08 2.97
N GLU A 63 1.03 -0.88 3.68
CA GLU A 63 2.18 -1.64 3.19
C GLU A 63 1.79 -2.54 2.01
N THR A 64 0.53 -3.06 2.03
CA THR A 64 -0.04 -3.92 0.98
C THR A 64 -0.27 -3.11 -0.30
N ARG A 65 -0.86 -1.92 -0.16
CA ARG A 65 -1.18 -1.02 -1.26
C ARG A 65 0.11 -0.54 -1.94
N LYS A 66 1.11 -0.14 -1.15
CA LYS A 66 2.40 0.33 -1.65
C LYS A 66 3.18 -0.78 -2.36
N VAL A 67 3.28 -1.96 -1.74
CA VAL A 67 3.97 -3.13 -2.32
C VAL A 67 3.28 -3.63 -3.63
N LYS A 68 1.94 -3.43 -3.73
CA LYS A 68 1.15 -3.75 -4.91
C LYS A 68 1.53 -2.81 -6.05
N ALA A 69 1.82 -1.52 -5.73
CA ALA A 69 2.23 -0.50 -6.71
C ALA A 69 3.63 -0.81 -7.22
N HIS A 70 4.52 -1.34 -6.33
CA HIS A 70 5.88 -1.77 -6.65
C HIS A 70 5.87 -2.92 -7.69
N SER A 71 4.91 -3.86 -7.54
CA SER A 71 4.74 -5.02 -8.42
C SER A 71 4.37 -4.58 -9.84
N GLN A 72 3.50 -3.57 -9.94
CA GLN A 72 3.03 -3.06 -11.22
C GLN A 72 4.08 -2.27 -11.94
N THR A 73 4.87 -1.47 -11.21
CA THR A 73 5.97 -0.71 -11.82
C THR A 73 6.96 -1.69 -12.47
N HIS A 74 7.40 -2.73 -11.70
CA HIS A 74 8.34 -3.78 -12.15
C HIS A 74 7.77 -4.62 -13.32
N ARG A 75 6.44 -4.86 -13.31
CA ARG A 75 5.73 -5.62 -14.36
C ARG A 75 5.91 -4.88 -15.70
N VAL A 76 5.82 -3.53 -15.65
CA VAL A 76 5.97 -2.62 -16.80
C VAL A 76 7.46 -2.55 -17.14
N ASP A 77 8.32 -2.31 -16.13
CA ASP A 77 9.78 -2.25 -16.21
C ASP A 77 10.43 -3.38 -17.01
N LEU A 78 9.90 -4.62 -16.88
CA LEU A 78 10.38 -5.81 -17.60
C LEU A 78 10.16 -5.67 -19.11
N GLY A 79 9.04 -5.05 -19.49
CA GLY A 79 8.70 -4.80 -20.89
C GLY A 79 9.63 -3.74 -21.47
N THR A 80 9.90 -2.68 -20.68
CA THR A 80 10.78 -1.56 -21.03
C THR A 80 12.22 -2.03 -21.29
N LEU A 81 12.77 -2.85 -20.39
CA LEU A 81 14.15 -3.36 -20.46
C LEU A 81 14.38 -4.31 -21.62
N ARG A 82 13.43 -5.23 -21.88
CA ARG A 82 13.45 -6.18 -23.00
C ARG A 82 13.54 -5.37 -24.32
N GLY A 83 12.87 -4.21 -24.34
CA GLY A 83 12.91 -3.27 -25.46
C GLY A 83 14.25 -2.60 -25.58
N TYR A 84 14.77 -2.07 -24.44
CA TYR A 84 16.08 -1.39 -24.35
C TYR A 84 17.25 -2.27 -24.82
N TYR A 85 17.17 -3.60 -24.58
CA TYR A 85 18.21 -4.54 -24.93
C TYR A 85 17.95 -5.36 -26.20
N ASN A 86 16.82 -5.07 -26.90
CA ASN A 86 16.37 -5.73 -28.14
C ASN A 86 16.31 -7.26 -27.96
N GLN A 87 15.55 -7.69 -26.94
CA GLN A 87 15.39 -9.10 -26.58
C GLN A 87 14.07 -9.71 -27.02
N SER A 88 14.05 -11.05 -27.12
CA SER A 88 12.88 -11.85 -27.47
C SER A 88 11.86 -11.88 -26.32
N GLU A 89 10.58 -12.18 -26.64
CA GLU A 89 9.48 -12.25 -25.68
C GLU A 89 9.43 -13.61 -24.95
N ALA A 90 10.02 -14.65 -25.56
CA ALA A 90 10.03 -16.03 -25.06
C ALA A 90 11.13 -16.35 -24.01
N GLY A 91 11.95 -15.37 -23.67
CA GLY A 91 13.01 -15.54 -22.68
C GLY A 91 12.63 -14.99 -21.31
N SER A 92 13.02 -15.69 -20.22
CA SER A 92 12.74 -15.26 -18.86
C SER A 92 13.86 -14.31 -18.39
N HIS A 93 13.50 -13.13 -17.88
CA HIS A 93 14.44 -12.12 -17.41
C HIS A 93 14.20 -11.70 -15.97
N THR A 94 15.23 -11.15 -15.32
CA THR A 94 15.22 -10.77 -13.92
C THR A 94 15.53 -9.30 -13.68
N VAL A 95 14.66 -8.61 -12.94
CA VAL A 95 14.86 -7.24 -12.49
C VAL A 95 14.93 -7.33 -10.98
N GLN A 96 15.96 -6.72 -10.38
CA GLN A 96 16.15 -6.66 -8.94
C GLN A 96 16.29 -5.23 -8.49
N ARG A 97 15.65 -4.89 -7.36
CA ARG A 97 15.72 -3.56 -6.76
C ARG A 97 15.97 -3.68 -5.28
N MET A 98 16.88 -2.84 -4.81
CA MET A 98 17.20 -2.79 -3.40
C MET A 98 17.24 -1.32 -3.00
N TYR A 99 16.66 -1.00 -1.84
CA TYR A 99 16.68 0.33 -1.23
C TYR A 99 16.63 0.29 0.30
N GLY A 100 17.14 1.34 0.92
CA GLY A 100 17.18 1.44 2.36
C GLY A 100 18.06 2.56 2.89
N CYS A 101 18.33 2.50 4.18
CA CYS A 101 19.11 3.51 4.89
C CYS A 101 19.90 2.92 6.03
N ASP A 102 21.06 3.53 6.31
CA ASP A 102 21.97 3.19 7.40
C ASP A 102 21.98 4.35 8.37
N VAL A 103 21.87 4.05 9.66
CA VAL A 103 21.93 5.04 10.74
C VAL A 103 23.14 4.68 11.61
N GLY A 104 23.71 5.67 12.29
CA GLY A 104 24.85 5.42 13.16
C GLY A 104 24.43 4.94 14.54
N SER A 105 25.38 4.91 15.49
CA SER A 105 25.12 4.52 16.89
C SER A 105 24.22 5.57 17.59
N ASP A 106 24.22 6.80 17.04
CA ASP A 106 23.47 7.96 17.48
C ASP A 106 22.02 7.93 16.94
N TRP A 107 21.69 6.90 16.13
CA TRP A 107 20.42 6.61 15.49
C TRP A 107 20.00 7.60 14.37
N ARG A 108 20.90 8.50 13.93
CA ARG A 108 20.60 9.42 12.83
C ARG A 108 21.23 9.03 11.50
N PHE A 109 20.64 9.53 10.38
CA PHE A 109 21.02 9.27 9.00
C PHE A 109 22.53 9.28 8.71
N LEU A 110 23.03 8.22 8.07
CA LEU A 110 24.43 8.05 7.74
C LEU A 110 24.62 7.79 6.23
N ARG A 111 23.79 6.89 5.64
CA ARG A 111 23.89 6.47 4.24
C ARG A 111 22.53 6.02 3.64
N GLY A 112 22.32 6.32 2.36
CA GLY A 112 21.12 5.97 1.62
C GLY A 112 21.44 5.14 0.39
N TYR A 113 20.47 4.31 -0.04
CA TYR A 113 20.61 3.39 -1.19
C TYR A 113 19.31 3.26 -1.96
N HIS A 114 19.42 3.07 -3.29
CA HIS A 114 18.35 2.80 -4.25
C HIS A 114 19.04 2.36 -5.54
N GLN A 115 19.02 1.05 -5.82
CA GLN A 115 19.71 0.49 -6.98
C GLN A 115 18.96 -0.63 -7.70
N TYR A 116 19.26 -0.80 -8.99
CA TYR A 116 18.63 -1.79 -9.85
C TYR A 116 19.64 -2.70 -10.52
N ALA A 117 19.18 -3.93 -10.83
CA ALA A 117 19.97 -4.89 -11.58
C ALA A 117 19.09 -5.47 -12.66
N TYR A 118 19.70 -5.86 -13.78
CA TYR A 118 18.96 -6.50 -14.86
C TYR A 118 19.72 -7.75 -15.24
N ASP A 119 19.10 -8.92 -15.07
CA ASP A 119 19.71 -10.24 -15.32
C ASP A 119 21.05 -10.39 -14.55
N GLY A 120 21.04 -9.98 -13.29
CA GLY A 120 22.21 -10.08 -12.41
C GLY A 120 23.31 -9.06 -12.56
N LYS A 121 23.23 -8.15 -13.56
CA LYS A 121 24.21 -7.07 -13.77
C LYS A 121 23.67 -5.72 -13.32
N ASP A 122 24.54 -4.86 -12.73
CA ASP A 122 24.17 -3.51 -12.29
C ASP A 122 23.51 -2.78 -13.46
N TYR A 123 22.33 -2.15 -13.22
CA TYR A 123 21.66 -1.39 -14.27
C TYR A 123 21.85 0.09 -13.98
N ILE A 124 21.21 0.59 -12.91
CA ILE A 124 21.32 1.98 -12.45
C ILE A 124 21.41 2.00 -10.91
N ALA A 125 22.10 3.00 -10.32
CA ALA A 125 22.23 3.14 -8.87
C ALA A 125 22.35 4.60 -8.46
N LEU A 126 21.67 4.99 -7.38
CA LEU A 126 21.76 6.33 -6.81
C LEU A 126 23.11 6.43 -6.10
N LYS A 127 23.91 7.46 -6.42
CA LYS A 127 25.22 7.69 -5.81
C LYS A 127 25.10 8.12 -4.35
N GLU A 128 26.21 8.07 -3.58
CA GLU A 128 26.23 8.43 -2.16
C GLU A 128 25.64 9.82 -1.83
N ASP A 129 25.88 10.83 -2.70
CA ASP A 129 25.36 12.20 -2.56
C ASP A 129 23.84 12.30 -2.64
N LEU A 130 23.16 11.23 -3.14
CA LEU A 130 21.71 11.10 -3.30
C LEU A 130 21.11 12.13 -4.28
N ARG A 131 21.95 12.67 -5.19
CA ARG A 131 21.58 13.67 -6.20
C ARG A 131 21.94 13.24 -7.63
N SER A 132 22.89 12.29 -7.77
CA SER A 132 23.39 11.79 -9.06
C SER A 132 23.24 10.25 -9.22
N TRP A 133 23.18 9.81 -10.50
CA TRP A 133 22.99 8.41 -10.88
C TRP A 133 24.21 7.77 -11.52
N THR A 134 24.35 6.45 -11.39
CA THR A 134 25.42 5.68 -12.01
C THR A 134 24.76 4.68 -12.95
N ALA A 135 24.81 4.97 -14.27
CA ALA A 135 24.26 4.09 -15.29
C ALA A 135 25.43 3.25 -15.80
N ALA A 136 25.42 1.97 -15.45
CA ALA A 136 26.45 1.00 -15.80
C ALA A 136 26.68 0.75 -17.30
N ASP A 137 25.62 0.90 -18.13
CA ASP A 137 25.70 0.66 -19.57
C ASP A 137 25.01 1.68 -20.51
N MET A 138 25.15 1.45 -21.83
CA MET A 138 24.58 2.24 -22.91
C MET A 138 23.04 2.27 -22.80
N ALA A 139 22.40 1.10 -22.61
CA ALA A 139 20.95 0.99 -22.48
C ALA A 139 20.40 1.75 -21.26
N ALA A 140 21.16 1.75 -20.14
CA ALA A 140 20.82 2.42 -18.89
C ALA A 140 20.79 3.95 -18.96
N GLN A 141 21.38 4.54 -20.04
CA GLN A 141 21.49 5.98 -20.26
C GLN A 141 20.14 6.66 -20.44
N THR A 142 19.18 5.96 -21.06
CA THR A 142 17.82 6.47 -21.25
C THR A 142 17.13 6.71 -19.89
N THR A 143 17.19 5.70 -18.98
CA THR A 143 16.64 5.77 -17.63
C THR A 143 17.26 6.93 -16.83
N LYS A 144 18.61 7.05 -16.91
CA LYS A 144 19.44 8.06 -16.25
C LYS A 144 19.01 9.47 -16.67
N HIS A 145 18.75 9.67 -17.96
CA HIS A 145 18.35 10.98 -18.47
C HIS A 145 16.89 11.25 -18.11
N LYS A 146 16.01 10.23 -18.20
CA LYS A 146 14.58 10.27 -17.85
C LYS A 146 14.39 10.68 -16.37
N TRP A 147 15.23 10.13 -15.46
CA TRP A 147 15.17 10.45 -14.04
C TRP A 147 15.81 11.77 -13.66
N GLU A 148 16.91 12.16 -14.36
CA GLU A 148 17.60 13.44 -14.15
C GLU A 148 16.66 14.61 -14.50
N ALA A 149 15.95 14.50 -15.63
CA ALA A 149 15.03 15.50 -16.14
C ALA A 149 13.75 15.62 -15.31
N ALA A 150 13.31 14.51 -14.69
CA ALA A 150 12.11 14.45 -13.84
C ALA A 150 12.45 14.72 -12.36
N HIS A 151 13.75 14.96 -12.04
CA HIS A 151 14.30 15.23 -10.71
C HIS A 151 13.91 14.15 -9.68
N VAL A 152 13.94 12.87 -10.12
CA VAL A 152 13.56 11.69 -9.34
C VAL A 152 14.39 11.54 -8.04
N ALA A 153 15.73 11.79 -8.13
CA ALA A 153 16.66 11.70 -7.01
C ALA A 153 16.29 12.55 -5.78
N GLU A 154 15.67 13.74 -5.99
CA GLU A 154 15.20 14.65 -4.92
C GLU A 154 14.14 13.97 -4.06
N GLN A 155 13.17 13.31 -4.72
CA GLN A 155 12.07 12.55 -4.10
C GLN A 155 12.62 11.31 -3.37
N LEU A 156 13.70 10.72 -3.90
CA LEU A 156 14.33 9.55 -3.30
C LEU A 156 15.15 9.87 -2.05
N ARG A 157 15.80 11.04 -2.05
CA ARG A 157 16.58 11.57 -0.92
C ARG A 157 15.63 11.88 0.25
N ALA A 158 14.40 12.37 -0.05
CA ALA A 158 13.37 12.69 0.95
C ALA A 158 12.90 11.44 1.72
N TYR A 159 12.74 10.29 1.02
CA TYR A 159 12.30 9.05 1.65
C TYR A 159 13.40 8.44 2.51
N LEU A 160 14.62 8.35 1.95
CA LEU A 160 15.79 7.74 2.58
C LEU A 160 16.29 8.43 3.85
N GLU A 161 16.07 9.75 3.98
CA GLU A 161 16.51 10.56 5.13
C GLU A 161 15.41 10.69 6.19
N GLY A 162 14.16 10.78 5.73
CA GLY A 162 12.98 10.93 6.59
C GLY A 162 12.33 9.62 6.99
N THR A 163 11.33 9.18 6.20
CA THR A 163 10.52 7.97 6.42
C THR A 163 11.34 6.72 6.72
N CYS A 164 12.44 6.48 5.98
CA CYS A 164 13.29 5.30 6.16
C CYS A 164 13.97 5.28 7.54
N VAL A 165 14.57 6.42 7.94
CA VAL A 165 15.25 6.59 9.23
C VAL A 165 14.23 6.56 10.37
N GLU A 166 13.11 7.32 10.24
CA GLU A 166 11.99 7.40 11.17
C GLU A 166 11.44 6.00 11.53
N TRP A 167 11.12 5.20 10.49
CA TRP A 167 10.58 3.85 10.62
C TRP A 167 11.58 2.80 11.06
N LEU A 168 12.87 2.94 10.66
CA LEU A 168 13.95 2.08 11.14
C LEU A 168 14.01 2.25 12.66
N ARG A 169 14.01 3.53 13.15
CA ARG A 169 14.05 3.89 14.57
C ARG A 169 12.86 3.30 15.32
N ARG A 170 11.65 3.36 14.74
CA ARG A 170 10.42 2.81 15.33
C ARG A 170 10.44 1.28 15.44
N TYR A 171 11.04 0.58 14.45
CA TYR A 171 11.15 -0.90 14.46
C TYR A 171 12.21 -1.32 15.48
N LEU A 172 13.30 -0.52 15.58
CA LEU A 172 14.38 -0.76 16.53
C LEU A 172 13.84 -0.68 17.95
N GLU A 173 12.93 0.29 18.19
CA GLU A 173 12.26 0.54 19.47
C GLU A 173 11.29 -0.60 19.79
N ASN A 174 10.39 -0.92 18.84
CA ASN A 174 9.38 -1.97 19.03
C ASN A 174 9.93 -3.39 19.14
N GLY A 175 10.98 -3.68 18.36
CA GLY A 175 11.64 -4.98 18.41
C GLY A 175 12.93 -4.98 19.21
N LYS A 176 12.98 -4.14 20.27
CA LYS A 176 14.12 -3.95 21.18
C LYS A 176 14.71 -5.24 21.76
N GLU A 177 13.84 -6.19 22.16
CA GLU A 177 14.21 -7.48 22.76
C GLU A 177 15.09 -8.34 21.84
N THR A 178 14.83 -8.32 20.53
CA THR A 178 15.54 -9.12 19.54
C THR A 178 16.54 -8.32 18.69
N LEU A 179 16.14 -7.13 18.17
CA LEU A 179 17.04 -6.31 17.35
C LEU A 179 18.19 -5.63 18.10
N GLN A 180 17.96 -5.19 19.35
CA GLN A 180 19.00 -4.49 20.10
C GLN A 180 19.86 -5.45 20.95
N ARG A 181 19.57 -6.76 20.87
CA ARG A 181 20.29 -7.80 21.60
C ARG A 181 21.61 -8.09 20.91
N THR A 182 22.53 -8.67 21.66
CA THR A 182 23.81 -9.15 21.16
C THR A 182 24.01 -10.52 21.76
N ASP A 183 23.84 -11.57 20.94
CA ASP A 183 24.08 -12.95 21.33
C ASP A 183 25.52 -13.23 20.95
N ALA A 184 26.42 -13.37 21.96
CA ALA A 184 27.83 -13.68 21.73
C ALA A 184 27.94 -15.14 21.28
N PRO A 185 28.92 -15.51 20.43
CA PRO A 185 29.03 -16.91 20.00
C PRO A 185 29.37 -17.93 21.09
N LYS A 186 28.79 -19.13 20.93
CA LYS A 186 29.06 -20.29 21.75
C LYS A 186 30.14 -21.02 20.95
N THR A 187 31.32 -21.16 21.54
CA THR A 187 32.46 -21.74 20.83
C THR A 187 32.89 -23.12 21.26
N HIS A 188 33.43 -23.88 20.30
CA HIS A 188 34.00 -25.20 20.46
C HIS A 188 34.98 -25.53 19.33
N MET A 189 35.79 -26.56 19.56
CA MET A 189 36.80 -27.03 18.62
C MET A 189 36.61 -28.54 18.41
N THR A 190 36.92 -29.02 17.22
CA THR A 190 36.93 -30.44 16.89
C THR A 190 38.27 -30.82 16.28
N HIS A 191 38.68 -32.08 16.48
CA HIS A 191 39.94 -32.64 16.00
C HIS A 191 39.64 -33.98 15.30
N HIS A 192 40.05 -34.10 14.02
CA HIS A 192 39.88 -35.29 13.19
C HIS A 192 41.16 -35.56 12.42
N ALA A 193 41.65 -36.80 12.45
CA ALA A 193 42.87 -37.18 11.74
C ALA A 193 42.69 -37.29 10.22
N VAL A 194 43.46 -36.49 9.45
CA VAL A 194 43.45 -36.49 7.96
C VAL A 194 44.24 -37.74 7.50
N SER A 195 45.42 -37.96 8.09
CA SER A 195 46.31 -39.07 7.84
C SER A 195 46.95 -39.51 9.18
N ASP A 196 48.11 -40.19 9.13
CA ASP A 196 48.80 -40.62 10.35
C ASP A 196 49.62 -39.48 10.96
N HIS A 197 50.03 -38.48 10.13
CA HIS A 197 50.85 -37.33 10.54
C HIS A 197 50.16 -35.97 10.47
N GLU A 198 48.86 -35.94 10.11
CA GLU A 198 48.09 -34.70 10.03
C GLU A 198 46.69 -34.80 10.65
N ALA A 199 46.15 -33.65 11.05
CA ALA A 199 44.81 -33.55 11.62
C ALA A 199 44.21 -32.20 11.35
N THR A 200 42.87 -32.17 11.17
CA THR A 200 42.11 -30.93 10.97
C THR A 200 41.64 -30.45 12.34
N LEU A 201 41.81 -29.15 12.61
CA LEU A 201 41.36 -28.46 13.80
C LEU A 201 40.34 -27.48 13.28
N ARG A 202 39.08 -27.67 13.69
CA ARG A 202 37.96 -26.82 13.26
C ARG A 202 37.48 -25.98 14.43
N CYS A 203 37.41 -24.66 14.22
CA CYS A 203 36.97 -23.69 15.21
C CYS A 203 35.55 -23.27 14.93
N TRP A 204 34.64 -23.56 15.87
CA TRP A 204 33.23 -23.23 15.74
C TRP A 204 32.76 -22.01 16.52
N ALA A 205 31.85 -21.24 15.89
CA ALA A 205 31.14 -20.10 16.47
C ALA A 205 29.67 -20.35 16.15
N LEU A 206 28.84 -20.53 17.22
CA LEU A 206 27.43 -20.85 17.06
C LEU A 206 26.49 -19.93 17.82
N SER A 207 25.20 -19.92 17.40
CA SER A 207 24.09 -19.21 18.05
C SER A 207 24.37 -17.73 18.37
N PHE A 208 25.08 -17.05 17.47
CA PHE A 208 25.42 -15.65 17.64
C PHE A 208 24.51 -14.73 16.82
N TYR A 209 24.38 -13.47 17.28
CA TYR A 209 23.64 -12.38 16.63
C TYR A 209 24.32 -11.05 17.02
N PRO A 210 24.63 -10.12 16.07
CA PRO A 210 24.39 -10.15 14.62
C PRO A 210 25.31 -11.09 13.86
N ALA A 211 25.14 -11.17 12.51
CA ALA A 211 25.93 -12.06 11.65
C ALA A 211 27.43 -11.75 11.58
N GLU A 212 27.80 -10.45 11.61
CA GLU A 212 29.19 -9.99 11.58
C GLU A 212 30.03 -10.72 12.63
N ILE A 213 31.15 -11.33 12.18
CA ILE A 213 32.07 -12.10 13.02
C ILE A 213 33.40 -12.28 12.28
N THR A 214 34.47 -12.44 13.04
CA THR A 214 35.80 -12.73 12.51
C THR A 214 36.33 -13.94 13.24
N LEU A 215 36.67 -15.01 12.48
CA LEU A 215 37.26 -16.27 12.94
C LEU A 215 38.61 -16.42 12.24
N THR A 216 39.71 -16.46 12.99
CA THR A 216 41.06 -16.59 12.43
C THR A 216 41.89 -17.63 13.16
N TRP A 217 42.90 -18.19 12.48
CA TRP A 217 43.79 -19.17 13.05
C TRP A 217 45.20 -18.62 12.95
N GLN A 218 45.98 -18.83 14.03
CA GLN A 218 47.37 -18.40 14.12
C GLN A 218 48.25 -19.53 14.60
N ARG A 219 49.44 -19.66 14.02
CA ARG A 219 50.46 -20.63 14.43
C ARG A 219 51.58 -19.78 15.02
N ASP A 220 51.73 -19.82 16.35
CA ASP A 220 52.69 -19.02 17.14
C ASP A 220 52.41 -17.50 17.00
N GLY A 221 51.12 -17.15 16.84
CA GLY A 221 50.69 -15.76 16.70
C GLY A 221 50.80 -15.20 15.29
N GLU A 222 51.43 -15.96 14.37
CA GLU A 222 51.64 -15.60 12.96
C GLU A 222 50.41 -16.05 12.13
N ASP A 223 49.98 -15.18 11.21
CA ASP A 223 48.86 -15.31 10.28
C ASP A 223 48.87 -16.62 9.49
N GLN A 224 47.70 -17.27 9.37
CA GLN A 224 47.50 -18.54 8.65
C GLN A 224 46.32 -18.46 7.64
N THR A 225 46.01 -17.24 7.14
CA THR A 225 44.89 -16.94 6.19
C THR A 225 44.85 -17.94 4.99
N GLN A 226 46.00 -18.10 4.29
CA GLN A 226 46.17 -18.94 3.09
C GLN A 226 45.91 -20.43 3.33
N ASP A 227 46.06 -20.89 4.59
CA ASP A 227 45.85 -22.28 4.99
C ASP A 227 44.55 -22.56 5.79
N THR A 228 43.74 -21.52 6.08
CA THR A 228 42.46 -21.70 6.78
C THR A 228 41.31 -21.88 5.78
N GLU A 229 40.57 -22.98 5.93
CA GLU A 229 39.35 -23.26 5.18
C GLU A 229 38.25 -22.54 6.00
N LEU A 230 37.57 -21.55 5.37
CA LEU A 230 36.57 -20.69 6.00
C LEU A 230 35.19 -20.80 5.32
N VAL A 231 34.12 -21.17 6.08
CA VAL A 231 32.77 -21.25 5.49
C VAL A 231 32.02 -19.91 5.59
N GLU A 232 31.10 -19.65 4.64
CA GLU A 232 30.26 -18.45 4.64
C GLU A 232 29.35 -18.52 5.88
N THR A 233 29.20 -17.38 6.61
CA THR A 233 28.33 -17.28 7.77
C THR A 233 26.94 -17.73 7.32
N ARG A 234 26.39 -18.70 8.03
CA ARG A 234 25.11 -19.31 7.63
C ARG A 234 24.04 -19.12 8.69
N PRO A 235 22.75 -18.99 8.29
CA PRO A 235 21.69 -18.82 9.29
C PRO A 235 21.29 -20.14 9.95
N ALA A 236 21.12 -20.14 11.30
CA ALA A 236 20.70 -21.33 12.05
C ALA A 236 19.23 -21.67 11.81
N GLY A 237 18.42 -20.63 11.51
CA GLY A 237 16.98 -20.77 11.25
C GLY A 237 16.11 -20.32 12.41
N ASP A 238 16.73 -19.97 13.55
CA ASP A 238 16.08 -19.53 14.79
C ASP A 238 16.43 -18.06 15.05
N GLY A 239 16.95 -17.40 14.02
CA GLY A 239 17.34 -16.00 14.09
C GLY A 239 18.80 -15.78 14.45
N THR A 240 19.53 -16.88 14.76
CA THR A 240 20.97 -16.78 15.05
C THR A 240 21.80 -17.24 13.83
N PHE A 241 23.14 -17.03 13.90
CA PHE A 241 24.06 -17.43 12.81
C PHE A 241 25.18 -18.40 13.25
N GLN A 242 25.84 -19.03 12.26
CA GLN A 242 26.92 -20.00 12.48
C GLN A 242 28.09 -19.73 11.54
N LYS A 243 29.28 -20.11 12.00
CA LYS A 243 30.52 -20.04 11.22
C LYS A 243 31.56 -20.98 11.80
N TRP A 244 32.41 -21.52 10.93
CA TRP A 244 33.56 -22.32 11.31
C TRP A 244 34.77 -21.98 10.46
N ALA A 245 35.96 -22.20 11.03
CA ALA A 245 37.26 -21.97 10.42
C ALA A 245 38.11 -23.17 10.72
N ALA A 246 38.70 -23.81 9.72
CA ALA A 246 39.51 -25.00 9.95
C ALA A 246 40.89 -24.97 9.26
N VAL A 247 41.91 -25.49 9.98
CA VAL A 247 43.32 -25.63 9.55
C VAL A 247 43.80 -27.08 9.66
N VAL A 248 44.62 -27.49 8.69
CA VAL A 248 45.26 -28.81 8.67
C VAL A 248 46.57 -28.63 9.44
N VAL A 249 46.68 -29.33 10.59
CA VAL A 249 47.78 -29.25 11.53
C VAL A 249 48.66 -30.54 11.50
N PRO A 250 50.01 -30.39 11.38
CA PRO A 250 50.90 -31.56 11.44
C PRO A 250 50.83 -32.12 12.87
N SER A 251 50.43 -33.42 13.04
CA SER A 251 50.25 -34.07 14.35
C SER A 251 51.37 -33.76 15.35
N GLY A 252 51.00 -33.39 16.57
CA GLY A 252 51.98 -33.03 17.60
C GLY A 252 52.30 -31.54 17.65
N GLN A 253 51.67 -30.75 16.75
CA GLN A 253 51.82 -29.29 16.68
C GLN A 253 50.54 -28.54 17.07
N GLU A 254 49.55 -29.26 17.67
CA GLU A 254 48.25 -28.68 18.11
C GLU A 254 48.40 -27.46 19.01
N GLN A 255 49.39 -27.50 19.93
CA GLN A 255 49.68 -26.40 20.86
C GLN A 255 50.20 -25.10 20.21
N ARG A 256 50.63 -25.14 18.94
CA ARG A 256 51.15 -23.96 18.23
C ARG A 256 50.04 -23.11 17.70
N TYR A 257 48.89 -23.73 17.48
CA TYR A 257 47.70 -23.15 16.90
C TYR A 257 46.71 -22.56 17.90
N THR A 258 46.20 -21.35 17.59
CA THR A 258 45.17 -20.66 18.38
C THR A 258 44.10 -20.13 17.48
N CYS A 259 42.83 -20.30 17.90
CA CYS A 259 41.70 -19.74 17.18
C CYS A 259 41.29 -18.44 17.87
N HIS A 260 41.03 -17.40 17.07
CA HIS A 260 40.63 -16.08 17.55
C HIS A 260 39.22 -15.74 17.08
N VAL A 261 38.35 -15.39 18.03
CA VAL A 261 36.94 -15.05 17.78
C VAL A 261 36.64 -13.58 18.14
N GLN A 262 36.24 -12.79 17.15
CA GLN A 262 35.89 -11.37 17.26
C GLN A 262 34.40 -11.23 16.95
N HIS A 263 33.65 -10.64 17.87
CA HIS A 263 32.21 -10.45 17.73
C HIS A 263 31.80 -9.32 18.69
N GLU A 264 30.77 -8.57 18.33
CA GLU A 264 30.21 -7.46 19.12
C GLU A 264 29.77 -7.90 20.54
N GLY A 265 29.33 -9.15 20.67
CA GLY A 265 28.87 -9.74 21.92
C GLY A 265 29.97 -10.09 22.90
N LEU A 266 31.25 -10.00 22.46
CA LEU A 266 32.40 -10.30 23.31
C LEU A 266 33.12 -9.01 23.71
N PRO A 267 33.16 -8.64 25.01
CA PRO A 267 33.89 -7.42 25.39
C PRO A 267 35.40 -7.54 25.08
N LYS A 268 35.93 -8.76 25.21
CA LYS A 268 37.31 -9.12 24.90
C LYS A 268 37.27 -10.27 23.88
N PRO A 269 38.08 -10.23 22.79
CA PRO A 269 38.05 -11.34 21.83
C PRO A 269 38.57 -12.63 22.47
N LEU A 270 37.99 -13.79 22.08
CA LEU A 270 38.37 -15.09 22.61
C LEU A 270 39.57 -15.68 21.87
N THR A 271 40.48 -16.34 22.62
CA THR A 271 41.64 -17.07 22.11
C THR A 271 41.45 -18.53 22.52
N LEU A 272 41.24 -19.40 21.53
CA LEU A 272 40.98 -20.83 21.78
C LEU A 272 42.13 -21.71 21.27
N ARG A 273 42.42 -22.80 21.99
CA ARG A 273 43.53 -23.73 21.73
C ARG A 273 43.07 -25.15 22.05
N TRP A 274 43.58 -26.17 21.28
CA TRP A 274 43.26 -27.60 21.49
C TRP A 274 44.21 -28.15 22.53
N GLU A 275 43.70 -28.43 23.75
CA GLU A 275 44.53 -28.92 24.86
C GLU A 275 43.72 -29.71 25.91
N MET B 1 24.15 -14.29 -20.99
CA MET B 1 23.56 -13.84 -19.74
C MET B 1 24.24 -14.44 -18.51
N ILE B 2 24.28 -13.67 -17.41
CA ILE B 2 24.90 -14.01 -16.12
C ILE B 2 24.39 -15.32 -15.53
N GLN B 3 25.30 -16.21 -15.14
CA GLN B 3 24.99 -17.50 -14.52
C GLN B 3 26.00 -17.76 -13.42
N ARG B 4 25.53 -17.81 -12.17
CA ARG B 4 26.37 -18.02 -10.99
C ARG B 4 25.96 -19.30 -10.26
N THR B 5 26.97 -20.19 -10.00
CA THR B 5 26.75 -21.50 -9.37
C THR B 5 26.41 -21.40 -7.88
N PRO B 6 25.31 -22.04 -7.43
CA PRO B 6 25.01 -22.00 -5.99
C PRO B 6 26.06 -22.68 -5.11
N LYS B 7 26.38 -22.04 -3.96
CA LYS B 7 27.24 -22.63 -2.94
C LYS B 7 26.24 -23.42 -2.10
N ILE B 8 26.62 -24.57 -1.52
CA ILE B 8 25.68 -25.40 -0.74
C ILE B 8 26.27 -25.76 0.60
N GLN B 9 25.47 -25.59 1.66
CA GLN B 9 25.84 -25.93 3.02
C GLN B 9 24.73 -26.75 3.66
N VAL B 10 25.04 -27.98 4.08
CA VAL B 10 24.06 -28.88 4.74
C VAL B 10 24.50 -29.00 6.19
N TYR B 11 23.60 -28.63 7.12
CA TYR B 11 23.89 -28.59 8.55
C TYR B 11 22.62 -28.60 9.40
N SER B 12 22.78 -28.86 10.71
CA SER B 12 21.68 -28.85 11.67
C SER B 12 21.72 -27.53 12.47
N ARG B 13 20.54 -27.04 12.92
CA ARG B 13 20.39 -25.82 13.70
C ARG B 13 21.17 -25.88 15.02
N HIS B 14 21.03 -27.01 15.75
CA HIS B 14 21.67 -27.31 17.03
C HIS B 14 22.72 -28.42 16.82
N PRO B 15 23.82 -28.49 17.61
CA PRO B 15 24.76 -29.63 17.42
C PRO B 15 24.01 -30.96 17.54
N ALA B 16 24.35 -31.91 16.66
CA ALA B 16 23.66 -33.19 16.58
C ALA B 16 23.91 -34.11 17.79
N GLU B 17 22.81 -34.52 18.44
CA GLU B 17 22.75 -35.45 19.57
C GLU B 17 21.66 -36.45 19.20
N ASN B 18 22.01 -37.73 19.11
CA ASN B 18 21.07 -38.81 18.74
C ASN B 18 19.82 -38.89 19.64
N GLY B 19 18.65 -39.01 19.03
CA GLY B 19 17.38 -39.12 19.73
C GLY B 19 16.77 -37.82 20.21
N LYS B 20 17.46 -36.69 19.93
CA LYS B 20 17.01 -35.36 20.34
C LYS B 20 16.61 -34.53 19.12
N SER B 21 15.42 -33.92 19.18
CA SER B 21 14.85 -33.09 18.11
C SER B 21 15.77 -31.99 17.61
N ASN B 22 15.71 -31.72 16.30
CA ASN B 22 16.54 -30.73 15.66
C ASN B 22 15.87 -30.22 14.38
N PHE B 23 16.65 -29.50 13.57
CA PHE B 23 16.26 -28.97 12.27
C PHE B 23 17.40 -29.25 11.32
N LEU B 24 17.10 -29.79 10.13
CA LEU B 24 18.09 -30.06 9.10
C LEU B 24 17.96 -28.93 8.09
N ASN B 25 19.06 -28.21 7.85
CA ASN B 25 19.14 -27.08 6.95
C ASN B 25 19.97 -27.32 5.71
N CYS B 26 19.55 -26.69 4.62
CA CYS B 26 20.29 -26.60 3.37
C CYS B 26 20.25 -25.16 2.92
N TYR B 27 21.42 -24.50 3.07
CA TYR B 27 21.60 -23.11 2.68
C TYR B 27 22.23 -23.02 1.32
N VAL B 28 21.46 -22.50 0.35
CA VAL B 28 21.87 -22.26 -1.02
C VAL B 28 22.13 -20.78 -1.22
N SER B 29 23.33 -20.42 -1.70
CA SER B 29 23.71 -19.01 -1.86
C SER B 29 24.59 -18.74 -3.09
N GLY B 30 24.70 -17.47 -3.47
CA GLY B 30 25.54 -17.02 -4.57
C GLY B 30 25.09 -17.46 -5.95
N PHE B 31 23.77 -17.76 -6.10
CA PHE B 31 23.27 -18.21 -7.41
C PHE B 31 22.52 -17.18 -8.23
N HIS B 32 22.56 -17.36 -9.55
CA HIS B 32 21.87 -16.53 -10.53
C HIS B 32 21.72 -17.34 -11.82
N PRO B 33 20.53 -17.43 -12.47
CA PRO B 33 19.20 -16.86 -12.12
C PRO B 33 18.54 -17.47 -10.88
N SER B 34 17.34 -16.99 -10.50
CA SER B 34 16.65 -17.44 -9.28
C SER B 34 15.95 -18.82 -9.25
N ASP B 35 15.66 -19.43 -10.42
CA ASP B 35 14.99 -20.74 -10.45
C ASP B 35 15.97 -21.83 -10.01
N ILE B 36 15.65 -22.47 -8.88
CA ILE B 36 16.49 -23.51 -8.29
C ILE B 36 15.62 -24.60 -7.66
N GLU B 37 16.08 -25.87 -7.72
CA GLU B 37 15.38 -27.01 -7.13
CA GLU B 37 15.37 -27.00 -7.12
C GLU B 37 16.22 -27.51 -5.96
N VAL B 38 15.62 -27.57 -4.75
CA VAL B 38 16.35 -28.01 -3.54
C VAL B 38 15.55 -29.07 -2.79
N ASP B 39 16.12 -30.27 -2.68
CA ASP B 39 15.48 -31.34 -1.94
C ASP B 39 16.33 -31.80 -0.78
N LEU B 40 15.69 -32.14 0.33
CA LEU B 40 16.34 -32.72 1.49
C LEU B 40 16.10 -34.23 1.43
N LEU B 41 17.17 -35.03 1.58
CA LEU B 41 17.07 -36.49 1.47
C LEU B 41 17.28 -37.22 2.77
N LYS B 42 16.55 -38.35 2.96
CA LYS B 42 16.68 -39.24 4.12
C LYS B 42 16.88 -40.64 3.55
N ASN B 43 18.13 -41.13 3.65
CA ASN B 43 18.61 -42.42 3.11
C ASN B 43 18.38 -42.50 1.58
N GLY B 44 18.63 -41.36 0.91
CA GLY B 44 18.48 -41.19 -0.53
C GLY B 44 17.08 -40.87 -1.02
N GLU B 45 16.10 -40.82 -0.11
CA GLU B 45 14.68 -40.56 -0.40
C GLU B 45 14.27 -39.13 -0.01
N ARG B 46 13.54 -38.45 -0.91
CA ARG B 46 13.04 -37.07 -0.75
C ARG B 46 12.17 -36.89 0.52
N ILE B 47 12.40 -35.80 1.28
CA ILE B 47 11.59 -35.50 2.48
C ILE B 47 10.48 -34.59 1.98
N GLU B 48 9.21 -35.00 2.22
CA GLU B 48 8.03 -34.26 1.78
C GLU B 48 7.78 -32.95 2.53
N LYS B 49 7.87 -32.96 3.88
CA LYS B 49 7.60 -31.74 4.64
C LYS B 49 8.83 -30.84 4.73
N VAL B 50 9.12 -30.10 3.64
CA VAL B 50 10.28 -29.20 3.57
C VAL B 50 9.86 -27.78 3.23
N GLU B 51 10.21 -26.83 4.13
CA GLU B 51 9.93 -25.41 4.01
C GLU B 51 11.18 -24.67 3.56
N HIS B 52 11.00 -23.43 3.05
CA HIS B 52 12.10 -22.57 2.61
C HIS B 52 11.81 -21.10 2.92
N SER B 53 12.87 -20.32 3.13
CA SER B 53 12.81 -18.89 3.41
C SER B 53 12.37 -18.12 2.15
N ASP B 54 11.93 -16.86 2.31
CA ASP B 54 11.50 -16.03 1.17
C ASP B 54 12.71 -15.57 0.41
N LEU B 55 12.66 -15.69 -0.92
CA LEU B 55 13.75 -15.33 -1.82
C LEU B 55 14.29 -13.93 -1.54
N SER B 56 15.59 -13.86 -1.28
CA SER B 56 16.31 -12.63 -0.98
C SER B 56 17.67 -12.70 -1.68
N PHE B 57 18.47 -11.60 -1.64
CA PHE B 57 19.77 -11.52 -2.30
C PHE B 57 20.77 -10.63 -1.58
N SER B 58 22.07 -10.83 -1.86
CA SER B 58 23.21 -10.08 -1.29
C SER B 58 23.44 -8.76 -2.04
N LYS B 59 24.49 -8.00 -1.62
CA LYS B 59 24.93 -6.74 -2.23
C LYS B 59 25.34 -6.95 -3.71
N ASP B 60 25.92 -8.13 -4.02
CA ASP B 60 26.34 -8.49 -5.38
C ASP B 60 25.19 -8.97 -6.28
N TRP B 61 23.91 -8.92 -5.80
CA TRP B 61 22.65 -9.33 -6.50
C TRP B 61 22.40 -10.85 -6.55
N SER B 62 23.35 -11.69 -6.07
CA SER B 62 23.21 -13.15 -6.09
C SER B 62 22.21 -13.59 -5.03
N PHE B 63 21.39 -14.61 -5.35
CA PHE B 63 20.32 -15.09 -4.48
C PHE B 63 20.79 -16.04 -3.42
N TYR B 64 19.96 -16.16 -2.36
CA TYR B 64 20.16 -17.06 -1.24
C TYR B 64 18.83 -17.55 -0.70
N LEU B 65 18.79 -18.83 -0.29
CA LEU B 65 17.62 -19.48 0.27
C LEU B 65 18.03 -20.47 1.33
N LEU B 66 17.23 -20.58 2.38
CA LEU B 66 17.40 -21.59 3.42
C LEU B 66 16.23 -22.55 3.34
N TYR B 67 16.52 -23.84 3.12
CA TYR B 67 15.53 -24.91 3.09
C TYR B 67 15.69 -25.63 4.41
N TYR B 68 14.58 -25.93 5.08
CA TYR B 68 14.65 -26.57 6.39
C TYR B 68 13.54 -27.56 6.68
N THR B 69 13.78 -28.48 7.64
CA THR B 69 12.83 -29.49 8.09
C THR B 69 13.16 -29.93 9.53
N GLU B 70 12.13 -30.32 10.30
CA GLU B 70 12.28 -30.85 11.65
C GLU B 70 12.82 -32.27 11.52
N PHE B 71 13.83 -32.65 12.33
CA PHE B 71 14.40 -34.01 12.30
C PHE B 71 15.00 -34.43 13.63
N THR B 72 15.05 -35.74 13.83
CA THR B 72 15.66 -36.29 15.02
C THR B 72 16.83 -37.14 14.49
N PRO B 73 18.10 -36.64 14.57
CA PRO B 73 19.21 -37.44 14.04
C PRO B 73 19.48 -38.72 14.83
N THR B 74 19.90 -39.77 14.11
CA THR B 74 20.27 -41.06 14.66
C THR B 74 21.70 -41.36 14.18
N GLU B 75 22.29 -42.44 14.68
CA GLU B 75 23.63 -42.90 14.28
C GLU B 75 23.56 -43.44 12.84
N LYS B 76 22.54 -44.26 12.55
CA LYS B 76 22.30 -44.96 11.29
C LYS B 76 21.86 -44.07 10.12
N ASP B 77 20.85 -43.20 10.32
CA ASP B 77 20.26 -42.36 9.27
C ASP B 77 21.19 -41.41 8.53
N GLU B 78 21.12 -41.47 7.18
CA GLU B 78 21.89 -40.64 6.26
C GLU B 78 21.04 -39.48 5.71
N TYR B 79 21.56 -38.26 5.83
CA TYR B 79 20.90 -37.05 5.35
C TYR B 79 21.76 -36.34 4.31
N ALA B 80 21.12 -35.69 3.32
CA ALA B 80 21.79 -34.99 2.23
C ALA B 80 20.89 -33.93 1.62
N CYS B 81 21.48 -33.10 0.77
CA CYS B 81 20.79 -32.05 0.05
C CYS B 81 21.09 -32.18 -1.44
N ARG B 82 20.03 -32.38 -2.24
CA ARG B 82 20.10 -32.52 -3.70
C ARG B 82 19.65 -31.20 -4.30
N VAL B 83 20.54 -30.59 -5.09
CA VAL B 83 20.32 -29.27 -5.70
C VAL B 83 20.41 -29.36 -7.23
N ASN B 84 19.47 -28.68 -7.92
CA ASN B 84 19.46 -28.56 -9.37
C ASN B 84 19.38 -27.12 -9.77
N HIS B 85 20.20 -26.74 -10.77
CA HIS B 85 20.29 -25.37 -11.27
C HIS B 85 20.85 -25.39 -12.69
N VAL B 86 20.65 -24.30 -13.48
CA VAL B 86 21.15 -24.18 -14.86
C VAL B 86 22.66 -24.36 -14.99
N THR B 87 23.42 -23.89 -13.99
CA THR B 87 24.88 -23.98 -13.92
C THR B 87 25.33 -25.43 -13.69
N LEU B 88 24.46 -26.28 -13.11
CA LEU B 88 24.76 -27.69 -12.84
C LEU B 88 24.39 -28.62 -14.00
N SER B 89 25.39 -29.34 -14.51
CA SER B 89 25.24 -30.32 -15.59
C SER B 89 24.40 -31.51 -15.10
N GLN B 90 24.57 -31.86 -13.82
CA GLN B 90 23.86 -32.95 -13.13
C GLN B 90 23.47 -32.47 -11.72
N PRO B 91 22.43 -33.07 -11.08
CA PRO B 91 22.07 -32.64 -9.71
C PRO B 91 23.23 -32.81 -8.71
N LYS B 92 23.52 -31.77 -7.91
CA LYS B 92 24.60 -31.79 -6.93
C LYS B 92 24.09 -32.35 -5.60
N ILE B 93 24.71 -33.45 -5.14
CA ILE B 93 24.37 -34.11 -3.88
C ILE B 93 25.44 -33.83 -2.82
N VAL B 94 25.06 -33.13 -1.74
CA VAL B 94 25.96 -32.81 -0.62
C VAL B 94 25.45 -33.57 0.62
N LYS B 95 26.28 -34.45 1.19
CA LYS B 95 25.94 -35.27 2.37
C LYS B 95 26.02 -34.46 3.64
N TRP B 96 25.16 -34.79 4.62
CA TRP B 96 25.22 -34.09 5.90
C TRP B 96 26.27 -34.75 6.78
N ASP B 97 27.13 -33.93 7.37
CA ASP B 97 28.19 -34.36 8.30
C ASP B 97 28.03 -33.42 9.49
N ARG B 98 27.90 -34.00 10.71
CA ARG B 98 27.69 -33.28 11.99
C ARG B 98 28.76 -32.21 12.26
N ASP B 99 29.97 -32.40 11.70
CA ASP B 99 31.08 -31.49 11.92
C ASP B 99 31.45 -30.60 10.72
N MET B 100 30.46 -30.19 9.91
CA MET B 100 30.64 -29.27 8.76
C MET B 100 29.42 -28.32 8.65
N LYS C 1 8.89 0.72 6.64
CA LYS C 1 7.87 1.11 5.68
C LYS C 1 8.43 1.29 4.30
N VAL C 2 7.77 0.70 3.27
CA VAL C 2 8.17 0.84 1.86
C VAL C 2 7.89 2.28 1.38
N ALA C 3 8.49 2.66 0.25
CA ALA C 3 8.28 3.97 -0.36
C ALA C 3 6.89 4.12 -1.03
N GLU C 4 6.44 5.39 -1.25
N GLU C 4 6.42 5.39 -1.13
CA GLU C 4 5.18 5.74 -1.91
CA GLU C 4 5.14 5.82 -1.70
C GLU C 4 5.46 6.03 -3.40
C GLU C 4 5.30 6.19 -3.18
N LEU C 5 6.35 7.03 -3.64
N LEU C 5 6.52 6.59 -3.58
CA LEU C 5 6.95 7.57 -4.87
CA LEU C 5 6.88 7.03 -4.93
C LEU C 5 6.41 7.12 -6.25
C LEU C 5 6.86 5.92 -6.00
N VAL C 6 6.77 5.89 -6.69
N VAL C 6 6.27 6.23 -7.16
CA VAL C 6 6.47 5.21 -7.97
CA VAL C 6 6.16 5.31 -8.29
C VAL C 6 6.96 5.95 -9.27
C VAL C 6 6.83 5.85 -9.59
N HIS C 7 8.10 5.47 -9.81
CA HIS C 7 8.81 5.92 -11.04
C HIS C 7 9.15 4.70 -11.89
N PHE C 8 9.22 4.87 -13.22
CA PHE C 8 9.50 3.81 -14.18
C PHE C 8 10.89 3.92 -14.78
N LEU C 9 11.52 2.77 -15.10
CA LEU C 9 12.84 2.75 -15.78
C LEU C 9 12.65 3.29 -17.21
N GLY D 1 -22.97 -5.84 -12.41
CA GLY D 1 -24.04 -4.87 -12.21
C GLY D 1 -23.85 -3.59 -12.99
N SER D 2 -24.77 -2.63 -12.79
CA SER D 2 -24.75 -1.31 -13.45
C SER D 2 -23.57 -0.43 -13.01
N HIS D 3 -23.16 0.51 -13.88
CA HIS D 3 -22.06 1.45 -13.62
C HIS D 3 -22.41 2.86 -14.06
N SER D 4 -21.66 3.87 -13.56
CA SER D 4 -21.90 5.27 -13.92
C SER D 4 -20.64 6.15 -13.90
N MET D 5 -20.62 7.18 -14.76
CA MET D 5 -19.58 8.19 -14.79
C MET D 5 -20.28 9.49 -14.52
N ARG D 6 -19.73 10.29 -13.61
CA ARG D 6 -20.32 11.58 -13.26
C ARG D 6 -19.25 12.65 -13.12
N TYR D 7 -19.53 13.83 -13.65
CA TYR D 7 -18.67 15.00 -13.50
C TYR D 7 -19.47 16.06 -12.74
N PHE D 8 -18.87 16.64 -11.69
CA PHE D 8 -19.52 17.64 -10.85
C PHE D 8 -18.68 18.93 -10.92
N PHE D 9 -19.32 20.06 -11.24
CA PHE D 9 -18.65 21.35 -11.35
C PHE D 9 -19.30 22.35 -10.40
N THR D 10 -18.47 23.10 -9.65
CA THR D 10 -18.96 24.13 -8.74
C THR D 10 -18.19 25.42 -9.00
N SER D 11 -18.92 26.47 -9.35
N SER D 11 -18.94 26.48 -9.36
CA SER D 11 -18.39 27.81 -9.55
CA SER D 11 -18.41 27.83 -9.58
C SER D 11 -18.96 28.72 -8.45
C SER D 11 -18.97 28.74 -8.47
N VAL D 12 -18.10 29.55 -7.82
CA VAL D 12 -18.51 30.44 -6.72
C VAL D 12 -17.94 31.85 -6.95
N SER D 13 -18.82 32.85 -7.10
CA SER D 13 -18.34 34.22 -7.32
C SER D 13 -17.75 34.80 -6.04
N ARG D 14 -16.72 35.65 -6.17
CA ARG D 14 -16.04 36.29 -5.04
C ARG D 14 -15.94 37.81 -5.26
N PRO D 15 -17.00 38.57 -4.89
CA PRO D 15 -16.98 40.03 -5.14
C PRO D 15 -15.93 40.81 -4.36
N GLY D 16 -15.12 41.56 -5.11
CA GLY D 16 -14.04 42.40 -4.58
C GLY D 16 -12.77 41.62 -4.27
N ARG D 17 -12.73 40.33 -4.63
CA ARG D 17 -11.57 39.46 -4.39
C ARG D 17 -11.25 38.44 -5.51
N GLY D 18 -11.04 38.98 -6.71
CA GLY D 18 -10.65 38.24 -7.90
C GLY D 18 -11.70 37.38 -8.58
N GLU D 19 -11.21 36.45 -9.41
CA GLU D 19 -11.95 35.50 -10.24
C GLU D 19 -12.78 34.53 -9.41
N PRO D 20 -13.92 34.02 -9.95
CA PRO D 20 -14.71 33.03 -9.21
C PRO D 20 -13.98 31.71 -8.96
N ARG D 21 -14.39 30.97 -7.92
CA ARG D 21 -13.80 29.69 -7.57
C ARG D 21 -14.42 28.62 -8.47
N PHE D 22 -13.60 27.76 -9.11
CA PHE D 22 -14.10 26.67 -9.97
C PHE D 22 -13.46 25.33 -9.61
N ILE D 23 -14.29 24.34 -9.20
CA ILE D 23 -13.83 22.98 -8.88
C ILE D 23 -14.56 21.96 -9.75
N ALA D 24 -13.78 21.10 -10.41
CA ALA D 24 -14.29 20.00 -11.22
C ALA D 24 -13.81 18.73 -10.54
N VAL D 25 -14.71 17.75 -10.42
CA VAL D 25 -14.43 16.42 -9.88
C VAL D 25 -15.13 15.44 -10.81
N GLY D 26 -14.47 14.33 -11.06
CA GLY D 26 -14.98 13.25 -11.90
C GLY D 26 -14.98 11.95 -11.11
N TYR D 27 -16.07 11.18 -11.20
CA TYR D 27 -16.25 9.92 -10.50
C TYR D 27 -16.64 8.83 -11.48
N VAL D 28 -16.29 7.59 -11.14
CA VAL D 28 -16.68 6.33 -11.81
C VAL D 28 -17.32 5.58 -10.65
N ASP D 29 -18.66 5.43 -10.69
CA ASP D 29 -19.45 4.84 -9.59
C ASP D 29 -19.18 5.68 -8.32
N ASP D 30 -18.70 5.05 -7.22
CA ASP D 30 -18.37 5.72 -5.96
C ASP D 30 -16.86 6.07 -5.79
N THR D 31 -16.05 5.96 -6.86
CA THR D 31 -14.62 6.26 -6.83
C THR D 31 -14.27 7.53 -7.63
N GLN D 32 -13.68 8.54 -6.97
CA GLN D 32 -13.26 9.77 -7.64
C GLN D 32 -11.97 9.44 -8.40
N PHE D 33 -11.78 10.03 -9.59
CA PHE D 33 -10.58 9.77 -10.40
C PHE D 33 -9.85 11.00 -10.93
N VAL D 34 -10.55 12.16 -11.02
CA VAL D 34 -9.96 13.41 -11.52
C VAL D 34 -10.38 14.64 -10.71
N ARG D 35 -9.54 15.69 -10.73
CA ARG D 35 -9.85 16.98 -10.10
C ARG D 35 -9.23 18.14 -10.86
N PHE D 36 -9.87 19.31 -10.76
CA PHE D 36 -9.39 20.58 -11.23
C PHE D 36 -9.79 21.65 -10.22
N ASP D 37 -8.80 22.42 -9.75
CA ASP D 37 -9.02 23.50 -8.78
C ASP D 37 -8.37 24.78 -9.30
N SER D 38 -9.20 25.80 -9.61
CA SER D 38 -8.78 27.12 -10.11
C SER D 38 -7.83 27.86 -9.16
N ASP D 39 -7.85 27.50 -7.86
CA ASP D 39 -7.00 28.10 -6.83
C ASP D 39 -5.67 27.36 -6.64
N ALA D 40 -5.54 26.15 -7.21
CA ALA D 40 -4.29 25.37 -7.11
C ALA D 40 -3.28 25.88 -8.13
N ALA D 41 -1.97 25.70 -7.86
CA ALA D 41 -0.90 26.18 -8.73
C ALA D 41 -0.83 25.49 -10.09
N SER D 42 -1.07 24.16 -10.15
CA SER D 42 -0.96 23.33 -11.35
C SER D 42 -1.72 23.79 -12.60
N GLN D 43 -2.97 24.31 -12.45
CA GLN D 43 -3.82 24.77 -13.58
C GLN D 43 -4.05 23.63 -14.59
N ARG D 44 -4.20 22.41 -14.06
CA ARG D 44 -4.39 21.21 -14.87
C ARG D 44 -5.32 20.24 -14.21
N MET D 45 -5.97 19.39 -15.03
CA MET D 45 -6.76 18.26 -14.54
C MET D 45 -5.72 17.32 -13.93
N GLU D 46 -5.98 16.82 -12.71
CA GLU D 46 -5.04 15.98 -11.98
C GLU D 46 -5.62 14.62 -11.62
N PRO D 47 -4.78 13.55 -11.58
CA PRO D 47 -5.30 12.22 -11.21
C PRO D 47 -5.59 12.12 -9.71
N ARG D 48 -6.66 11.41 -9.36
CA ARG D 48 -7.11 11.24 -7.98
C ARG D 48 -7.42 9.78 -7.69
N ALA D 49 -6.93 8.91 -8.59
CA ALA D 49 -7.04 7.46 -8.57
C ALA D 49 -5.76 6.91 -9.19
N PRO D 50 -5.20 5.80 -8.66
CA PRO D 50 -3.96 5.25 -9.24
C PRO D 50 -4.07 4.71 -10.66
N TRP D 51 -5.27 4.19 -11.04
CA TRP D 51 -5.52 3.59 -12.35
C TRP D 51 -5.63 4.56 -13.56
N ILE D 52 -5.58 5.88 -13.32
CA ILE D 52 -5.64 6.89 -14.37
C ILE D 52 -4.32 7.69 -14.46
N GLU D 53 -3.42 7.50 -13.47
CA GLU D 53 -2.13 8.17 -13.35
C GLU D 53 -1.24 8.00 -14.57
N GLN D 54 -1.24 6.80 -15.17
CA GLN D 54 -0.45 6.43 -16.33
C GLN D 54 -1.17 6.61 -17.68
N GLU D 55 -2.24 7.41 -17.72
CA GLU D 55 -2.98 7.63 -18.97
C GLU D 55 -2.14 8.25 -20.10
N GLY D 56 -1.25 9.18 -19.75
CA GLY D 56 -0.33 9.82 -20.70
C GLY D 56 -0.56 11.28 -20.97
N PRO D 57 0.43 11.97 -21.59
CA PRO D 57 0.29 13.42 -21.88
C PRO D 57 -0.86 13.81 -22.80
N GLU D 58 -1.21 12.97 -23.80
CA GLU D 58 -2.32 13.26 -24.72
C GLU D 58 -3.65 13.31 -23.95
N TYR D 59 -3.84 12.37 -23.00
CA TYR D 59 -5.05 12.36 -22.18
C TYR D 59 -5.08 13.61 -21.31
N TRP D 60 -4.00 13.80 -20.53
CA TRP D 60 -3.81 14.87 -19.58
C TRP D 60 -3.92 16.27 -20.13
N ASP D 61 -3.29 16.56 -21.29
CA ASP D 61 -3.38 17.89 -21.92
C ASP D 61 -4.80 18.19 -22.37
N GLY D 62 -5.46 17.17 -22.94
CA GLY D 62 -6.81 17.25 -23.47
C GLY D 62 -7.86 17.53 -22.41
N GLU D 63 -7.77 16.83 -21.26
CA GLU D 63 -8.65 17.00 -20.12
C GLU D 63 -8.45 18.37 -19.48
N THR D 64 -7.21 18.88 -19.49
CA THR D 64 -6.82 20.20 -18.96
C THR D 64 -7.42 21.33 -19.81
N ARG D 65 -7.29 21.20 -21.13
CA ARG D 65 -7.78 22.17 -22.11
C ARG D 65 -9.32 22.25 -22.05
N LYS D 66 -9.99 21.10 -22.00
CA LYS D 66 -11.45 21.03 -21.92
C LYS D 66 -11.99 21.58 -20.60
N VAL D 67 -11.40 21.17 -19.45
CA VAL D 67 -11.81 21.66 -18.13
C VAL D 67 -11.58 23.18 -17.96
N LYS D 68 -10.56 23.73 -18.68
CA LYS D 68 -10.24 25.15 -18.71
C LYS D 68 -11.37 25.90 -19.43
N ALA D 69 -11.94 25.28 -20.51
CA ALA D 69 -13.07 25.84 -21.28
C ALA D 69 -14.32 25.86 -20.44
N HIS D 70 -14.52 24.81 -19.59
CA HIS D 70 -15.65 24.70 -18.66
C HIS D 70 -15.63 25.85 -17.64
N SER D 71 -14.44 26.23 -17.15
CA SER D 71 -14.22 27.30 -16.17
C SER D 71 -14.63 28.66 -16.72
N GLN D 72 -14.29 28.90 -17.99
CA GLN D 72 -14.59 30.15 -18.68
C GLN D 72 -16.06 30.30 -19.01
N THR D 73 -16.72 29.20 -19.41
CA THR D 73 -18.16 29.24 -19.69
C THR D 73 -18.91 29.63 -18.40
N HIS D 74 -18.60 28.95 -17.26
CA HIS D 74 -19.18 29.20 -15.93
C HIS D 74 -18.89 30.63 -15.41
N ARG D 75 -17.68 31.15 -15.71
CA ARG D 75 -17.24 32.49 -15.32
C ARG D 75 -18.18 33.53 -15.96
N VAL D 76 -18.57 33.28 -17.22
CA VAL D 76 -19.49 34.12 -18.01
C VAL D 76 -20.91 33.89 -17.49
N ASP D 77 -21.30 32.60 -17.34
CA ASP D 77 -22.60 32.13 -16.83
C ASP D 77 -23.07 32.82 -15.54
N LEU D 78 -22.13 33.12 -14.62
CA LEU D 78 -22.40 33.81 -13.36
C LEU D 78 -22.87 35.25 -13.59
N GLY D 79 -22.30 35.89 -14.61
CA GLY D 79 -22.66 37.25 -15.03
C GLY D 79 -24.06 37.26 -15.63
N THR D 80 -24.35 36.26 -16.48
CA THR D 80 -25.63 36.06 -17.15
C THR D 80 -26.78 35.85 -16.16
N LEU D 81 -26.59 34.96 -15.16
CA LEU D 81 -27.60 34.63 -14.14
C LEU D 81 -27.93 35.78 -13.21
N ARG D 82 -26.90 36.52 -12.75
CA ARG D 82 -27.02 37.71 -11.90
C ARG D 82 -27.93 38.74 -12.63
N GLY D 83 -27.79 38.80 -13.96
CA GLY D 83 -28.59 39.64 -14.84
C GLY D 83 -30.02 39.13 -14.92
N TYR D 84 -30.18 37.81 -15.17
CA TYR D 84 -31.49 37.13 -15.27
C TYR D 84 -32.35 37.31 -14.01
N TYR D 85 -31.72 37.34 -12.83
CA TYR D 85 -32.41 37.45 -11.54
C TYR D 85 -32.40 38.86 -10.93
N ASN D 86 -31.84 39.85 -11.66
CA ASN D 86 -31.72 41.27 -11.26
C ASN D 86 -31.05 41.41 -9.88
N GLN D 87 -29.84 40.81 -9.77
CA GLN D 87 -29.07 40.79 -8.52
C GLN D 87 -27.91 41.79 -8.51
N SER D 88 -27.45 42.14 -7.30
CA SER D 88 -26.32 43.03 -7.04
C SER D 88 -24.98 42.34 -7.38
N GLU D 89 -23.93 43.14 -7.62
CA GLU D 89 -22.59 42.65 -7.97
C GLU D 89 -21.78 42.25 -6.73
N ALA D 90 -22.14 42.79 -5.55
CA ALA D 90 -21.46 42.55 -4.28
C ALA D 90 -21.85 41.26 -3.53
N GLY D 91 -22.76 40.47 -4.11
CA GLY D 91 -23.19 39.21 -3.52
C GLY D 91 -22.51 38.00 -4.14
N SER D 92 -22.15 36.99 -3.31
CA SER D 92 -21.52 35.76 -3.78
C SER D 92 -22.62 34.75 -4.18
N HIS D 93 -22.53 34.22 -5.40
CA HIS D 93 -23.50 33.26 -5.93
C HIS D 93 -22.86 31.96 -6.40
N THR D 94 -23.65 30.86 -6.43
CA THR D 94 -23.20 29.53 -6.78
C THR D 94 -23.92 28.94 -7.99
N VAL D 95 -23.14 28.48 -8.98
CA VAL D 95 -23.62 27.75 -10.17
C VAL D 95 -23.02 26.35 -10.03
N GLN D 96 -23.86 25.32 -10.18
CA GLN D 96 -23.47 23.92 -10.12
C GLN D 96 -23.93 23.22 -11.38
N ARG D 97 -23.07 22.41 -11.96
CA ARG D 97 -23.38 21.62 -13.15
C ARG D 97 -22.98 20.18 -12.88
N MET D 98 -23.82 19.23 -13.28
CA MET D 98 -23.54 17.81 -13.18
C MET D 98 -23.95 17.17 -14.50
N TYR D 99 -23.10 16.26 -15.01
CA TYR D 99 -23.36 15.47 -16.21
C TYR D 99 -22.69 14.10 -16.16
N GLY D 100 -23.24 13.16 -16.94
CA GLY D 100 -22.72 11.81 -17.01
C GLY D 100 -23.66 10.81 -17.66
N CYS D 101 -23.37 9.53 -17.48
CA CYS D 101 -24.09 8.43 -18.09
C CYS D 101 -24.10 7.19 -17.22
N ASP D 102 -25.19 6.41 -17.32
CA ASP D 102 -25.40 5.15 -16.64
C ASP D 102 -25.44 4.05 -17.68
N VAL D 103 -24.72 2.95 -17.42
CA VAL D 103 -24.69 1.76 -18.29
C VAL D 103 -25.24 0.60 -17.48
N GLY D 104 -25.80 -0.40 -18.13
CA GLY D 104 -26.33 -1.57 -17.44
C GLY D 104 -25.24 -2.60 -17.16
N SER D 105 -25.65 -3.81 -16.71
N SER D 105 -25.66 -3.80 -16.72
CA SER D 105 -24.71 -4.90 -16.42
CA SER D 105 -24.77 -4.93 -16.42
C SER D 105 -24.10 -5.46 -17.71
C SER D 105 -24.12 -5.47 -17.71
N ASP D 106 -24.73 -5.12 -18.87
CA ASP D 106 -24.31 -5.49 -20.24
C ASP D 106 -23.30 -4.46 -20.79
N TRP D 107 -22.99 -3.41 -19.99
CA TRP D 107 -22.06 -2.31 -20.26
C TRP D 107 -22.52 -1.31 -21.36
N ARG D 108 -23.77 -1.39 -21.81
CA ARG D 108 -24.30 -0.44 -22.81
C ARG D 108 -25.23 0.63 -22.22
N PHE D 109 -25.36 1.77 -22.93
CA PHE D 109 -26.14 2.96 -22.55
C PHE D 109 -27.54 2.67 -21.98
N LEU D 110 -27.82 3.26 -20.81
CA LEU D 110 -29.08 3.10 -20.10
C LEU D 110 -29.74 4.45 -19.80
N ARG D 111 -28.98 5.42 -19.24
CA ARG D 111 -29.45 6.76 -18.85
C ARG D 111 -28.38 7.86 -19.08
N GLY D 112 -28.83 9.08 -19.42
CA GLY D 112 -27.99 10.26 -19.61
C GLY D 112 -28.43 11.42 -18.74
N TYR D 113 -27.50 12.32 -18.37
CA TYR D 113 -27.76 13.47 -17.48
C TYR D 113 -26.92 14.67 -17.89
N HIS D 114 -27.48 15.87 -17.67
CA HIS D 114 -26.87 17.18 -17.86
C HIS D 114 -27.81 18.19 -17.20
N GLN D 115 -27.44 18.68 -16.03
CA GLN D 115 -28.28 19.59 -15.24
C GLN D 115 -27.53 20.71 -14.53
N TYR D 116 -28.24 21.81 -14.26
CA TYR D 116 -27.68 23.00 -13.61
C TYR D 116 -28.47 23.41 -12.38
N ALA D 117 -27.78 24.07 -11.45
CA ALA D 117 -28.38 24.66 -10.28
C ALA D 117 -27.87 26.07 -10.13
N TYR D 118 -28.69 26.94 -9.53
CA TYR D 118 -28.30 28.30 -9.24
C TYR D 118 -28.67 28.58 -7.80
N ASP D 119 -27.66 28.86 -6.98
CA ASP D 119 -27.80 29.10 -5.54
C ASP D 119 -28.55 27.95 -4.84
N GLY D 120 -28.18 26.71 -5.20
CA GLY D 120 -28.75 25.49 -4.64
C GLY D 120 -30.13 25.07 -5.09
N LYS D 121 -30.70 25.75 -6.07
CA LYS D 121 -32.01 25.40 -6.59
C LYS D 121 -31.84 24.94 -8.02
N ASP D 122 -32.68 23.98 -8.47
CA ASP D 122 -32.69 23.52 -9.86
C ASP D 122 -32.87 24.71 -10.81
N TYR D 123 -32.01 24.82 -11.85
CA TYR D 123 -32.14 25.88 -12.84
C TYR D 123 -32.73 25.29 -14.12
N ILE D 124 -31.94 24.45 -14.81
CA ILE D 124 -32.35 23.75 -16.04
C ILE D 124 -31.80 22.31 -15.99
N ALA D 125 -32.50 21.35 -16.63
CA ALA D 125 -32.10 19.95 -16.68
C ALA D 125 -32.58 19.28 -17.97
N LEU D 126 -31.72 18.47 -18.58
CA LEU D 126 -32.03 17.68 -19.77
C LEU D 126 -32.92 16.53 -19.29
N LYS D 127 -34.09 16.35 -19.93
CA LYS D 127 -35.03 15.28 -19.62
C LYS D 127 -34.49 13.90 -20.04
N GLU D 128 -35.09 12.81 -19.53
N GLU D 128 -35.13 12.82 -19.54
CA GLU D 128 -34.68 11.43 -19.82
CA GLU D 128 -34.85 11.41 -19.79
C GLU D 128 -34.54 11.12 -21.32
C GLU D 128 -34.63 11.07 -21.28
N ASP D 129 -35.46 11.65 -22.17
CA ASP D 129 -35.46 11.46 -23.63
C ASP D 129 -34.24 12.07 -24.35
N LEU D 130 -33.50 12.96 -23.65
CA LEU D 130 -32.30 13.66 -24.12
C LEU D 130 -32.56 14.61 -25.31
N ARG D 131 -33.83 15.03 -25.48
CA ARG D 131 -34.30 15.92 -26.56
C ARG D 131 -35.03 17.17 -26.05
N SER D 132 -35.52 17.12 -24.79
CA SER D 132 -36.27 18.19 -24.14
C SER D 132 -35.66 18.67 -22.81
N TRP D 133 -35.96 19.94 -22.45
CA TRP D 133 -35.45 20.61 -21.23
C TRP D 133 -36.51 20.86 -20.18
N THR D 134 -36.09 20.91 -18.91
CA THR D 134 -36.97 21.23 -17.78
C THR D 134 -36.43 22.51 -17.13
N ALA D 135 -37.10 23.64 -17.40
CA ALA D 135 -36.73 24.93 -16.84
C ALA D 135 -37.60 25.14 -15.61
N ALA D 136 -36.98 25.05 -14.43
CA ALA D 136 -37.65 25.15 -13.13
C ALA D 136 -38.35 26.49 -12.84
N ASP D 137 -37.87 27.62 -13.44
CA ASP D 137 -38.43 28.95 -13.21
C ASP D 137 -38.59 29.87 -14.44
N MET D 138 -39.16 31.07 -14.19
CA MET D 138 -39.39 32.13 -15.18
C MET D 138 -38.06 32.58 -15.81
N ALA D 139 -37.04 32.84 -15.00
CA ALA D 139 -35.71 33.25 -15.47
C ALA D 139 -35.03 32.20 -16.37
N ALA D 140 -35.20 30.89 -16.07
CA ALA D 140 -34.61 29.79 -16.84
C ALA D 140 -35.25 29.56 -18.22
N GLN D 141 -36.37 30.26 -18.51
CA GLN D 141 -37.09 30.16 -19.79
C GLN D 141 -36.25 30.69 -20.95
N THR D 142 -35.45 31.75 -20.71
CA THR D 142 -34.55 32.32 -21.72
C THR D 142 -33.52 31.27 -22.18
N THR D 143 -32.84 30.60 -21.21
CA THR D 143 -31.86 29.54 -21.47
C THR D 143 -32.48 28.38 -22.28
N LYS D 144 -33.69 27.94 -21.85
CA LYS D 144 -34.49 26.87 -22.44
C LYS D 144 -34.80 27.16 -23.90
N HIS D 145 -35.17 28.39 -24.21
CA HIS D 145 -35.50 28.79 -25.58
C HIS D 145 -34.24 28.93 -26.42
N LYS D 146 -33.16 29.50 -25.83
CA LYS D 146 -31.83 29.69 -26.43
C LYS D 146 -31.24 28.34 -26.86
N TRP D 147 -31.37 27.30 -26.00
CA TRP D 147 -30.86 25.97 -26.29
C TRP D 147 -31.74 25.15 -27.23
N GLU D 148 -33.08 25.33 -27.16
CA GLU D 148 -34.04 24.66 -28.05
C GLU D 148 -33.82 25.11 -29.52
N ALA D 149 -33.65 26.44 -29.72
CA ALA D 149 -33.43 27.07 -31.02
C ALA D 149 -32.06 26.74 -31.63
N ALA D 150 -31.04 26.53 -30.77
CA ALA D 150 -29.67 26.20 -31.19
C ALA D 150 -29.44 24.67 -31.26
N HIS D 151 -30.51 23.88 -30.97
CA HIS D 151 -30.52 22.40 -30.97
C HIS D 151 -29.38 21.79 -30.12
N VAL D 152 -29.13 22.41 -28.95
CA VAL D 152 -28.07 22.03 -28.00
C VAL D 152 -28.20 20.57 -27.52
N ALA D 153 -29.45 20.14 -27.21
CA ALA D 153 -29.76 18.78 -26.74
C ALA D 153 -29.25 17.64 -27.65
N GLU D 154 -29.24 17.86 -28.99
CA GLU D 154 -28.75 16.90 -30.00
C GLU D 154 -27.27 16.61 -29.79
N GLN D 155 -26.48 17.68 -29.59
CA GLN D 155 -25.03 17.63 -29.32
C GLN D 155 -24.75 16.99 -27.96
N LEU D 156 -25.66 17.17 -26.99
CA LEU D 156 -25.53 16.59 -25.65
C LEU D 156 -25.83 15.11 -25.61
N ARG D 157 -26.79 14.66 -26.43
CA ARG D 157 -27.20 13.27 -26.59
C ARG D 157 -26.03 12.48 -27.22
N ALA D 158 -25.31 13.11 -28.17
CA ALA D 158 -24.16 12.51 -28.86
C ALA D 158 -23.00 12.19 -27.91
N TYR D 159 -22.72 13.08 -26.92
CA TYR D 159 -21.64 12.88 -25.96
C TYR D 159 -22.01 11.81 -24.94
N LEU D 160 -23.23 11.90 -24.37
CA LEU D 160 -23.74 11.00 -23.32
C LEU D 160 -23.91 9.54 -23.74
N GLU D 161 -24.15 9.28 -25.03
CA GLU D 161 -24.34 7.94 -25.58
C GLU D 161 -23.04 7.34 -26.13
N GLY D 162 -22.20 8.19 -26.71
CA GLY D 162 -20.93 7.81 -27.31
C GLY D 162 -19.75 7.90 -26.36
N THR D 163 -19.06 9.05 -26.38
CA THR D 163 -17.85 9.37 -25.59
C THR D 163 -17.97 9.00 -24.10
N CYS D 164 -19.11 9.33 -23.46
CA CYS D 164 -19.33 9.06 -22.04
C CYS D 164 -19.35 7.56 -21.73
N VAL D 165 -20.09 6.77 -22.52
CA VAL D 165 -20.22 5.32 -22.38
C VAL D 165 -18.89 4.64 -22.73
N GLU D 166 -18.27 5.04 -23.88
CA GLU D 166 -16.98 4.57 -24.39
C GLU D 166 -15.88 4.69 -23.31
N TRP D 167 -15.73 5.90 -22.73
CA TRP D 167 -14.75 6.20 -21.70
C TRP D 167 -15.03 5.62 -20.32
N LEU D 168 -16.33 5.50 -19.95
CA LEU D 168 -16.74 4.83 -18.73
C LEU D 168 -16.25 3.37 -18.83
N ARG D 169 -16.52 2.70 -19.98
CA ARG D 169 -16.10 1.32 -20.29
C ARG D 169 -14.59 1.16 -20.21
N ARG D 170 -13.83 2.13 -20.75
CA ARG D 170 -12.36 2.12 -20.74
C ARG D 170 -11.77 2.27 -19.32
N TYR D 171 -12.42 3.09 -18.46
CA TYR D 171 -11.98 3.28 -17.06
C TYR D 171 -12.32 2.05 -16.25
N LEU D 172 -13.48 1.43 -16.54
CA LEU D 172 -13.93 0.20 -15.87
C LEU D 172 -12.92 -0.93 -16.14
N GLU D 173 -12.43 -0.98 -17.39
CA GLU D 173 -11.43 -1.96 -17.87
C GLU D 173 -10.08 -1.71 -17.20
N ASN D 174 -9.57 -0.47 -17.29
CA ASN D 174 -8.27 -0.10 -16.72
C ASN D 174 -8.19 -0.15 -15.21
N GLY D 175 -9.27 0.24 -14.54
CA GLY D 175 -9.34 0.20 -13.07
C GLY D 175 -10.10 -1.01 -12.56
N LYS D 176 -10.01 -2.15 -13.28
CA LYS D 176 -10.69 -3.43 -12.98
C LYS D 176 -10.48 -3.93 -11.54
N GLU D 177 -9.25 -3.81 -11.01
CA GLU D 177 -8.85 -4.24 -9.66
C GLU D 177 -9.62 -3.50 -8.56
N THR D 178 -9.85 -2.18 -8.77
CA THR D 178 -10.55 -1.24 -7.87
C THR D 178 -12.07 -1.23 -8.13
N LEU D 179 -12.47 -0.80 -9.34
CA LEU D 179 -13.86 -0.57 -9.74
C LEU D 179 -14.75 -1.78 -9.90
N GLN D 180 -14.21 -2.91 -10.37
CA GLN D 180 -15.03 -4.10 -10.58
C GLN D 180 -15.06 -5.01 -9.35
N ARG D 181 -14.41 -4.56 -8.26
CA ARG D 181 -14.35 -5.30 -7.01
C ARG D 181 -15.66 -5.12 -6.22
N THR D 182 -15.93 -6.10 -5.34
CA THR D 182 -17.03 -6.05 -4.41
C THR D 182 -16.48 -6.44 -3.05
N ASP D 183 -16.29 -5.43 -2.18
CA ASP D 183 -15.83 -5.64 -0.81
C ASP D 183 -17.09 -5.76 0.03
N ALA D 184 -17.38 -6.98 0.52
CA ALA D 184 -18.54 -7.23 1.38
C ALA D 184 -18.28 -6.61 2.76
N PRO D 185 -19.31 -6.11 3.48
CA PRO D 185 -19.08 -5.52 4.80
C PRO D 185 -18.56 -6.45 5.89
N LYS D 186 -17.70 -5.88 6.74
CA LYS D 186 -17.17 -6.53 7.93
C LYS D 186 -18.14 -6.07 9.01
N THR D 187 -18.85 -7.00 9.63
CA THR D 187 -19.90 -6.67 10.60
C THR D 187 -19.59 -6.97 12.04
N HIS D 188 -20.16 -6.15 12.94
CA HIS D 188 -20.12 -6.30 14.39
C HIS D 188 -21.28 -5.57 15.05
N MET D 189 -21.48 -5.87 16.33
CA MET D 189 -22.53 -5.31 17.16
C MET D 189 -21.92 -4.80 18.45
N THR D 190 -22.50 -3.73 19.01
CA THR D 190 -22.12 -3.19 20.32
C THR D 190 -23.35 -3.07 21.20
N HIS D 191 -23.15 -3.19 22.51
CA HIS D 191 -24.19 -3.12 23.54
C HIS D 191 -23.74 -2.13 24.63
N HIS D 192 -24.57 -1.10 24.88
CA HIS D 192 -24.33 -0.07 25.91
C HIS D 192 -25.65 0.23 26.61
N ALA D 193 -25.67 0.25 27.94
CA ALA D 193 -26.89 0.58 28.70
C ALA D 193 -27.19 2.08 28.73
N VAL D 194 -28.43 2.45 28.34
CA VAL D 194 -28.96 3.82 28.32
C VAL D 194 -29.51 4.11 29.73
N SER D 195 -30.23 3.14 30.28
CA SER D 195 -30.86 3.19 31.59
C SER D 195 -30.67 1.83 32.29
N ASP D 196 -31.27 1.68 33.47
CA ASP D 196 -31.23 0.44 34.26
C ASP D 196 -32.07 -0.65 33.56
N HIS D 197 -33.02 -0.24 32.68
CA HIS D 197 -33.92 -1.12 31.93
C HIS D 197 -33.83 -1.01 30.40
N GLU D 198 -32.94 -0.16 29.87
CA GLU D 198 -32.77 0.01 28.41
C GLU D 198 -31.32 -0.01 27.97
N ALA D 199 -31.07 -0.61 26.80
CA ALA D 199 -29.74 -0.75 26.19
C ALA D 199 -29.77 -0.45 24.72
N THR D 200 -28.70 0.17 24.22
CA THR D 200 -28.57 0.46 22.79
C THR D 200 -27.87 -0.71 22.12
N LEU D 201 -28.49 -1.22 21.06
CA LEU D 201 -27.92 -2.28 20.25
C LEU D 201 -27.55 -1.61 18.93
N ARG D 202 -26.23 -1.52 18.59
CA ARG D 202 -25.74 -0.86 17.36
C ARG D 202 -25.16 -1.89 16.40
N CYS D 203 -25.66 -1.89 15.17
CA CYS D 203 -25.24 -2.81 14.12
C CYS D 203 -24.30 -2.10 13.16
N TRP D 204 -23.07 -2.59 13.06
CA TRP D 204 -22.04 -2.02 12.20
C TRP D 204 -21.78 -2.78 10.91
N ALA D 205 -21.54 -2.02 9.83
CA ALA D 205 -21.12 -2.48 8.50
C ALA D 205 -19.92 -1.62 8.12
N LEU D 206 -18.73 -2.27 7.98
CA LEU D 206 -17.49 -1.55 7.70
C LEU D 206 -16.72 -2.08 6.50
N SER D 207 -15.81 -1.23 5.97
CA SER D 207 -14.87 -1.55 4.88
C SER D 207 -15.50 -2.20 3.64
N PHE D 208 -16.72 -1.74 3.29
CA PHE D 208 -17.44 -2.27 2.14
C PHE D 208 -17.33 -1.35 0.92
N TYR D 209 -17.49 -1.93 -0.28
CA TYR D 209 -17.52 -1.27 -1.58
C TYR D 209 -18.43 -2.10 -2.53
N PRO D 210 -19.41 -1.50 -3.27
CA PRO D 210 -19.75 -0.07 -3.36
C PRO D 210 -20.51 0.45 -2.13
N ALA D 211 -20.86 1.75 -2.13
CA ALA D 211 -21.55 2.41 -1.01
C ALA D 211 -22.96 1.90 -0.72
N GLU D 212 -23.70 1.51 -1.75
CA GLU D 212 -25.07 0.99 -1.64
C GLU D 212 -25.13 -0.16 -0.62
N ILE D 213 -26.00 -0.03 0.39
CA ILE D 213 -26.16 -1.00 1.47
C ILE D 213 -27.52 -0.76 2.15
N THR D 214 -28.07 -1.83 2.74
CA THR D 214 -29.29 -1.76 3.52
C THR D 214 -29.01 -2.42 4.86
N LEU D 215 -29.21 -1.67 5.94
CA LEU D 215 -29.08 -2.08 7.35
C LEU D 215 -30.44 -1.89 8.00
N THR D 216 -31.06 -2.98 8.48
CA THR D 216 -32.39 -2.92 9.13
C THR D 216 -32.41 -3.70 10.45
N TRP D 217 -33.30 -3.32 11.37
CA TRP D 217 -33.45 -4.02 12.64
C TRP D 217 -34.88 -4.58 12.67
N GLN D 218 -35.01 -5.85 13.11
CA GLN D 218 -36.31 -6.51 13.23
C GLN D 218 -36.51 -7.02 14.65
N ARG D 219 -37.72 -6.84 15.21
CA ARG D 219 -38.10 -7.40 16.51
C ARG D 219 -39.12 -8.49 16.19
N ASP D 220 -38.73 -9.77 16.41
CA ASP D 220 -39.49 -11.01 16.11
C ASP D 220 -39.86 -11.07 14.61
N GLY D 221 -38.96 -10.55 13.78
CA GLY D 221 -39.12 -10.52 12.34
C GLY D 221 -39.98 -9.40 11.81
N GLU D 222 -40.28 -8.37 12.63
CA GLU D 222 -41.11 -7.22 12.22
C GLU D 222 -40.29 -5.94 12.13
N ASP D 223 -40.51 -5.14 11.06
CA ASP D 223 -39.78 -3.90 10.83
C ASP D 223 -39.87 -2.89 11.97
N GLN D 224 -38.71 -2.35 12.35
CA GLN D 224 -38.53 -1.40 13.44
C GLN D 224 -37.99 -0.07 12.89
N THR D 225 -38.39 0.29 11.64
CA THR D 225 -37.96 1.50 10.93
C THR D 225 -38.07 2.79 11.78
N GLN D 226 -39.24 3.02 12.43
CA GLN D 226 -39.54 4.19 13.26
C GLN D 226 -38.65 4.29 14.51
N ASP D 227 -38.23 3.14 15.07
CA ASP D 227 -37.37 3.09 16.26
C ASP D 227 -35.87 2.89 15.96
N THR D 228 -35.50 2.75 14.68
CA THR D 228 -34.09 2.60 14.27
C THR D 228 -33.46 3.99 14.06
N GLU D 229 -32.28 4.20 14.65
CA GLU D 229 -31.43 5.37 14.47
C GLU D 229 -30.45 4.94 13.38
N LEU D 230 -30.44 5.66 12.25
CA LEU D 230 -29.58 5.33 11.12
C LEU D 230 -28.66 6.47 10.78
N VAL D 231 -27.39 6.16 10.50
CA VAL D 231 -26.48 7.21 10.03
C VAL D 231 -26.28 7.15 8.52
N GLU D 232 -25.96 8.31 7.89
CA GLU D 232 -25.68 8.40 6.46
C GLU D 232 -24.40 7.59 6.19
N THR D 233 -24.39 6.78 5.09
CA THR D 233 -23.24 6.01 4.64
C THR D 233 -22.08 7.00 4.48
N ARG D 234 -20.99 6.73 5.17
CA ARG D 234 -19.85 7.65 5.19
C ARG D 234 -18.59 7.04 4.61
N PRO D 235 -17.71 7.84 3.97
CA PRO D 235 -16.47 7.27 3.41
C PRO D 235 -15.39 7.03 4.48
N ALA D 236 -14.72 5.86 4.44
CA ALA D 236 -13.64 5.55 5.38
C ALA D 236 -12.36 6.35 5.08
N GLY D 237 -12.17 6.73 3.81
CA GLY D 237 -11.02 7.51 3.34
C GLY D 237 -9.98 6.68 2.60
N ASP D 238 -10.18 5.36 2.54
CA ASP D 238 -9.28 4.39 1.89
C ASP D 238 -10.01 3.77 0.68
N GLY D 239 -11.10 4.41 0.28
CA GLY D 239 -11.93 3.96 -0.84
C GLY D 239 -13.08 3.06 -0.43
N THR D 240 -13.17 2.71 0.87
CA THR D 240 -14.29 1.90 1.36
C THR D 240 -15.32 2.78 2.10
N PHE D 241 -16.49 2.21 2.46
CA PHE D 241 -17.56 2.94 3.16
C PHE D 241 -17.99 2.32 4.50
N GLN D 242 -18.72 3.11 5.32
CA GLN D 242 -19.19 2.68 6.64
C GLN D 242 -20.64 3.07 6.85
N LYS D 243 -21.33 2.31 7.69
CA LYS D 243 -22.70 2.55 8.12
C LYS D 243 -23.01 1.80 9.41
N TRP D 244 -23.88 2.39 10.23
CA TRP D 244 -24.42 1.75 11.42
C TRP D 244 -25.91 2.03 11.57
N ALA D 245 -26.60 1.11 12.26
CA ALA D 245 -28.03 1.18 12.55
C ALA D 245 -28.20 0.79 14.03
N ALA D 246 -28.92 1.60 14.82
CA ALA D 246 -29.10 1.30 16.24
C ALA D 246 -30.54 1.26 16.73
N VAL D 247 -30.79 0.45 17.80
CA VAL D 247 -32.08 0.30 18.46
C VAL D 247 -31.95 0.34 19.99
N VAL D 248 -32.82 1.11 20.67
CA VAL D 248 -32.87 1.17 22.12
C VAL D 248 -33.84 0.05 22.52
N VAL D 249 -33.27 -1.07 23.01
CA VAL D 249 -33.92 -2.33 23.37
C VAL D 249 -34.21 -2.41 24.90
N PRO D 250 -35.42 -2.84 25.36
CA PRO D 250 -35.62 -3.02 26.80
C PRO D 250 -34.75 -4.19 27.26
N SER D 251 -33.88 -3.98 28.30
CA SER D 251 -32.94 -5.00 28.82
C SER D 251 -33.63 -6.35 29.06
N GLY D 252 -33.02 -7.43 28.61
CA GLY D 252 -33.60 -8.76 28.71
C GLY D 252 -34.35 -9.20 27.46
N GLN D 253 -34.48 -8.30 26.46
CA GLN D 253 -35.14 -8.58 25.18
C GLN D 253 -34.15 -8.58 23.98
N GLU D 254 -32.83 -8.61 24.26
CA GLU D 254 -31.76 -8.63 23.23
C GLU D 254 -32.00 -9.71 22.17
N GLN D 255 -32.44 -10.91 22.60
CA GLN D 255 -32.71 -12.06 21.74
C GLN D 255 -33.86 -11.88 20.74
N ARG D 256 -34.77 -10.91 20.98
CA ARG D 256 -35.90 -10.66 20.08
C ARG D 256 -35.42 -9.93 18.81
N TYR D 257 -34.36 -9.10 18.95
CA TYR D 257 -33.82 -8.24 17.90
C TYR D 257 -32.75 -8.86 17.00
N THR D 258 -32.93 -8.68 15.66
CA THR D 258 -32.00 -9.15 14.63
C THR D 258 -31.65 -8.02 13.70
N CYS D 259 -30.36 -7.93 13.35
CA CYS D 259 -29.89 -6.96 12.37
C CYS D 259 -29.74 -7.66 11.04
N HIS D 260 -30.20 -7.03 9.96
CA HIS D 260 -30.15 -7.54 8.61
C HIS D 260 -29.27 -6.67 7.72
N VAL D 261 -28.27 -7.28 7.08
CA VAL D 261 -27.31 -6.60 6.19
C VAL D 261 -27.44 -7.09 4.74
N GLN D 262 -27.80 -6.16 3.84
CA GLN D 262 -27.96 -6.39 2.40
C GLN D 262 -26.88 -5.61 1.68
N HIS D 263 -26.07 -6.32 0.90
CA HIS D 263 -24.96 -5.76 0.13
C HIS D 263 -24.60 -6.67 -1.01
N GLU D 264 -24.22 -6.06 -2.16
CA GLU D 264 -23.83 -6.77 -3.40
C GLU D 264 -22.74 -7.83 -3.18
N GLY D 265 -21.85 -7.59 -2.21
CA GLY D 265 -20.76 -8.48 -1.84
C GLY D 265 -21.18 -9.70 -1.05
N LEU D 266 -22.46 -9.78 -0.62
CA LEU D 266 -22.99 -10.90 0.14
C LEU D 266 -23.91 -11.74 -0.75
N PRO D 267 -23.58 -13.02 -1.06
CA PRO D 267 -24.50 -13.83 -1.88
C PRO D 267 -25.85 -14.04 -1.18
N LYS D 268 -25.80 -14.14 0.16
CA LYS D 268 -26.97 -14.28 1.03
C LYS D 268 -26.93 -13.12 2.04
N PRO D 269 -28.05 -12.40 2.29
CA PRO D 269 -28.01 -11.33 3.31
C PRO D 269 -27.73 -11.89 4.71
N LEU D 270 -26.96 -11.13 5.53
CA LEU D 270 -26.59 -11.54 6.89
C LEU D 270 -27.69 -11.20 7.89
N THR D 271 -27.93 -12.10 8.86
CA THR D 271 -28.83 -11.93 10.00
C THR D 271 -27.97 -11.98 11.25
N LEU D 272 -27.88 -10.86 11.97
CA LEU D 272 -27.06 -10.73 13.18
C LEU D 272 -27.92 -10.52 14.42
N ARG D 273 -27.48 -11.09 15.55
CA ARG D 273 -28.16 -10.99 16.85
C ARG D 273 -27.17 -10.99 17.99
N TRP D 274 -27.49 -10.28 19.09
CA TRP D 274 -26.63 -10.17 20.28
C TRP D 274 -26.84 -11.38 21.19
N GLU D 275 -25.81 -12.25 21.28
CA GLU D 275 -25.84 -13.47 22.09
C GLU D 275 -24.45 -13.96 22.54
N MET E 1 -32.49 33.32 -0.19
CA MET E 1 -31.57 32.35 -0.78
C MET E 1 -31.42 31.08 0.07
N ILE E 2 -31.30 29.93 -0.62
CA ILE E 2 -31.16 28.58 -0.05
C ILE E 2 -30.01 28.46 0.96
N GLN E 3 -30.31 27.92 2.15
CA GLN E 3 -29.34 27.69 3.22
C GLN E 3 -29.66 26.35 3.86
N ARG E 4 -28.74 25.39 3.74
CA ARG E 4 -28.89 24.04 4.27
C ARG E 4 -27.81 23.73 5.31
N THR E 5 -28.24 23.27 6.51
CA THR E 5 -27.34 22.99 7.64
C THR E 5 -26.48 21.74 7.44
N PRO E 6 -25.15 21.83 7.62
CA PRO E 6 -24.33 20.62 7.46
C PRO E 6 -24.61 19.55 8.53
N LYS E 7 -24.65 18.28 8.09
CA LYS E 7 -24.74 17.13 8.99
C LYS E 7 -23.28 16.85 9.33
N ILE E 8 -22.96 16.37 10.54
CA ILE E 8 -21.57 16.14 10.93
C ILE E 8 -21.39 14.75 11.52
N GLN E 9 -20.34 14.04 11.05
CA GLN E 9 -19.98 12.73 11.54
C GLN E 9 -18.49 12.69 11.86
N VAL E 10 -18.14 12.41 13.14
CA VAL E 10 -16.73 12.30 13.58
C VAL E 10 -16.45 10.85 13.89
N TYR E 11 -15.45 10.26 13.20
CA TYR E 11 -15.15 8.84 13.28
C TYR E 11 -13.73 8.54 12.83
N SER E 12 -13.25 7.33 13.13
CA SER E 12 -11.94 6.85 12.70
C SER E 12 -12.13 5.88 11.53
N ARG E 13 -11.15 5.81 10.59
CA ARG E 13 -11.15 4.94 9.43
C ARG E 13 -11.26 3.47 9.81
N HIS E 14 -10.44 3.04 10.80
CA HIS E 14 -10.35 1.70 11.35
C HIS E 14 -10.91 1.68 12.79
N PRO E 15 -11.48 0.57 13.31
CA PRO E 15 -11.91 0.56 14.73
C PRO E 15 -10.76 1.00 15.64
N ALA E 16 -11.06 1.83 16.64
CA ALA E 16 -10.06 2.38 17.54
C ALA E 16 -9.45 1.35 18.50
N GLU E 17 -8.11 1.22 18.45
CA GLU E 17 -7.29 0.35 19.28
C GLU E 17 -6.15 1.26 19.75
N ASN E 18 -6.01 1.42 21.07
CA ASN E 18 -4.98 2.28 21.67
C ASN E 18 -3.54 1.91 21.26
N GLY E 19 -2.75 2.93 20.89
CA GLY E 19 -1.36 2.77 20.48
C GLY E 19 -1.14 2.33 19.05
N LYS E 20 -2.24 2.15 18.29
CA LYS E 20 -2.19 1.72 16.88
C LYS E 20 -2.64 2.83 15.97
N SER E 21 -1.84 3.10 14.93
CA SER E 21 -2.07 4.15 13.93
C SER E 21 -3.45 4.10 13.28
N ASN E 22 -4.01 5.28 12.98
CA ASN E 22 -5.34 5.40 12.40
C ASN E 22 -5.48 6.72 11.65
N PHE E 23 -6.72 7.05 11.29
CA PHE E 23 -7.09 8.30 10.64
C PHE E 23 -8.34 8.79 11.34
N LEU E 24 -8.35 10.08 11.71
CA LEU E 24 -9.51 10.72 12.33
C LEU E 24 -10.22 11.48 11.23
N ASN E 25 -11.50 11.18 11.03
CA ASN E 25 -12.33 11.78 10.00
C ASN E 25 -13.43 12.65 10.53
N CYS E 26 -13.76 13.70 9.76
CA CYS E 26 -14.91 14.55 9.97
C CYS E 26 -15.59 14.73 8.62
N TYR E 27 -16.74 14.07 8.48
CA TYR E 27 -17.55 14.10 7.27
C TYR E 27 -18.67 15.12 7.43
N VAL E 28 -18.59 16.20 6.61
CA VAL E 28 -19.57 17.27 6.55
C VAL E 28 -20.41 17.10 5.28
N SER E 29 -21.74 17.04 5.42
CA SER E 29 -22.62 16.81 4.27
C SER E 29 -23.96 17.56 4.35
N GLY E 30 -24.66 17.66 3.23
CA GLY E 30 -25.97 18.29 3.14
C GLY E 30 -25.99 19.80 3.32
N PHE E 31 -24.83 20.47 3.09
CA PHE E 31 -24.76 21.92 3.29
C PHE E 31 -24.82 22.77 2.03
N HIS E 32 -25.33 24.00 2.19
CA HIS E 32 -25.43 25.01 1.15
C HIS E 32 -25.54 26.38 1.82
N PRO E 33 -24.76 27.42 1.44
CA PRO E 33 -23.71 27.50 0.39
C PRO E 33 -22.44 26.68 0.71
N SER E 34 -21.43 26.70 -0.19
CA SER E 34 -20.20 25.90 -0.03
C SER E 34 -19.12 26.39 0.95
N ASP E 35 -19.13 27.67 1.39
CA ASP E 35 -18.13 28.17 2.35
C ASP E 35 -18.39 27.58 3.74
N ILE E 36 -17.44 26.80 4.22
CA ILE E 36 -17.54 26.11 5.50
C ILE E 36 -16.17 26.04 6.17
N GLU E 37 -16.14 26.12 7.52
CA GLU E 37 -14.90 26.02 8.28
C GLU E 37 -14.93 24.72 9.09
N VAL E 38 -13.92 23.86 8.91
CA VAL E 38 -13.86 22.56 9.60
C VAL E 38 -12.52 22.34 10.27
N ASP E 39 -12.53 22.25 11.60
CA ASP E 39 -11.30 21.99 12.33
C ASP E 39 -11.38 20.69 13.10
N LEU E 40 -10.27 19.97 13.17
CA LEU E 40 -10.15 18.77 13.99
C LEU E 40 -9.43 19.17 15.27
N LEU E 41 -9.98 18.78 16.43
CA LEU E 41 -9.42 19.17 17.73
C LEU E 41 -8.81 18.01 18.51
N LYS E 42 -7.72 18.30 19.27
CA LYS E 42 -7.05 17.34 20.14
C LYS E 42 -6.97 18.02 21.51
N ASN E 43 -7.82 17.56 22.46
CA ASN E 43 -7.97 18.09 23.82
C ASN E 43 -8.36 19.58 23.77
N GLY E 44 -9.24 19.92 22.82
CA GLY E 44 -9.76 21.26 22.58
C GLY E 44 -8.89 22.17 21.73
N GLU E 45 -7.70 21.68 21.30
CA GLU E 45 -6.72 22.42 20.51
C GLU E 45 -6.72 21.98 19.04
N ARG E 46 -6.70 22.95 18.12
CA ARG E 46 -6.70 22.74 16.66
C ARG E 46 -5.53 21.88 16.17
N ILE E 47 -5.80 20.90 15.27
CA ILE E 47 -4.75 20.06 14.68
C ILE E 47 -4.34 20.77 13.39
N GLU E 48 -3.05 21.09 13.27
CA GLU E 48 -2.49 21.81 12.13
C GLU E 48 -2.46 21.02 10.82
N LYS E 49 -1.97 19.76 10.86
CA LYS E 49 -1.86 18.94 9.65
C LYS E 49 -3.17 18.24 9.30
N VAL E 50 -4.10 19.00 8.73
CA VAL E 50 -5.44 18.49 8.37
C VAL E 50 -5.75 18.69 6.88
N GLU E 51 -6.02 17.58 6.18
CA GLU E 51 -6.36 17.55 4.75
C GLU E 51 -7.87 17.39 4.57
N HIS E 52 -8.38 17.70 3.36
CA HIS E 52 -9.78 17.55 3.00
C HIS E 52 -9.94 17.12 1.55
N SER E 53 -11.04 16.42 1.27
CA SER E 53 -11.38 15.91 -0.07
C SER E 53 -11.77 17.09 -0.98
N ASP E 54 -11.81 16.86 -2.31
CA ASP E 54 -12.19 17.91 -3.27
C ASP E 54 -13.68 18.11 -3.21
N LEU E 55 -14.12 19.36 -3.14
CA LEU E 55 -15.52 19.74 -3.05
C LEU E 55 -16.37 19.04 -4.12
N SER E 56 -17.40 18.31 -3.65
CA SER E 56 -18.34 17.58 -4.49
C SER E 56 -19.74 17.74 -3.90
N PHE E 57 -20.78 17.23 -4.58
CA PHE E 57 -22.17 17.37 -4.16
C PHE E 57 -23.05 16.18 -4.57
N SER E 58 -24.18 16.01 -3.87
CA SER E 58 -25.18 14.94 -4.09
C SER E 58 -26.16 15.32 -5.22
N LYS E 59 -27.13 14.42 -5.52
CA LYS E 59 -28.20 14.62 -6.51
C LYS E 59 -29.06 15.85 -6.15
N ASP E 60 -29.25 16.11 -4.84
CA ASP E 60 -30.03 17.24 -4.35
C ASP E 60 -29.26 18.59 -4.39
N TRP E 61 -27.99 18.61 -4.94
CA TRP E 61 -27.08 19.78 -5.07
C TRP E 61 -26.34 20.19 -3.77
N SER E 62 -26.64 19.54 -2.63
CA SER E 62 -26.00 19.86 -1.36
C SER E 62 -24.57 19.34 -1.34
N PHE E 63 -23.64 20.10 -0.74
CA PHE E 63 -22.22 19.77 -0.71
C PHE E 63 -21.86 18.80 0.37
N TYR E 64 -20.69 18.14 0.17
CA TYR E 64 -20.10 17.20 1.10
C TYR E 64 -18.57 17.25 1.02
N LEU E 65 -17.93 17.11 2.19
CA LEU E 65 -16.47 17.14 2.33
C LEU E 65 -16.04 16.18 3.41
N LEU E 66 -14.89 15.55 3.22
CA LEU E 66 -14.27 14.70 4.23
C LEU E 66 -12.97 15.36 4.64
N TYR E 67 -12.83 15.68 5.94
CA TYR E 67 -11.62 16.26 6.52
C TYR E 67 -10.97 15.12 7.26
N TYR E 68 -9.65 14.98 7.12
CA TYR E 68 -8.96 13.86 7.74
C TYR E 68 -7.54 14.17 8.20
N THR E 69 -7.04 13.37 9.15
CA THR E 69 -5.68 13.46 9.71
C THR E 69 -5.23 12.10 10.26
N GLU E 70 -3.92 11.82 10.21
CA GLU E 70 -3.31 10.61 10.77
C GLU E 70 -3.31 10.80 12.29
N PHE E 71 -3.70 9.74 13.04
CA PHE E 71 -3.70 9.79 14.53
C PHE E 71 -3.52 8.43 15.17
N THR E 72 -3.00 8.44 16.38
CA THR E 72 -2.85 7.23 17.16
C THR E 72 -3.73 7.43 18.40
N PRO E 73 -4.94 6.81 18.45
CA PRO E 73 -5.80 7.03 19.63
C PRO E 73 -5.24 6.43 20.91
N THR E 74 -5.49 7.12 22.04
CA THR E 74 -5.10 6.69 23.38
C THR E 74 -6.38 6.66 24.22
N GLU E 75 -6.29 6.16 25.47
CA GLU E 75 -7.42 6.13 26.39
C GLU E 75 -7.76 7.56 26.84
N LYS E 76 -6.72 8.35 27.19
CA LYS E 76 -6.78 9.71 27.70
C LYS E 76 -7.22 10.78 26.69
N ASP E 77 -6.58 10.83 25.50
CA ASP E 77 -6.83 11.84 24.48
C ASP E 77 -8.25 12.00 23.96
N GLU E 78 -8.73 13.26 23.97
CA GLU E 78 -10.04 13.67 23.50
C GLU E 78 -9.97 14.30 22.10
N TYR E 79 -10.79 13.81 21.19
CA TYR E 79 -10.86 14.30 19.82
C TYR E 79 -12.26 14.81 19.50
N ALA E 80 -12.35 15.84 18.63
CA ALA E 80 -13.61 16.47 18.26
C ALA E 80 -13.48 17.16 16.91
N CYS E 81 -14.63 17.60 16.38
CA CYS E 81 -14.71 18.33 15.12
C CYS E 81 -15.51 19.60 15.36
N ARG E 82 -14.87 20.74 15.09
CA ARG E 82 -15.47 22.08 15.24
C ARG E 82 -15.81 22.57 13.84
N VAL E 83 -17.10 22.87 13.63
CA VAL E 83 -17.63 23.29 12.33
C VAL E 83 -18.31 24.67 12.43
N ASN E 84 -18.05 25.58 11.46
N ASN E 84 -18.03 25.57 11.45
CA ASN E 84 -18.71 26.86 11.38
CA ASN E 84 -18.60 26.90 11.33
C ASN E 84 -19.30 27.04 9.98
C ASN E 84 -19.29 27.02 9.95
N HIS E 85 -20.52 27.57 9.91
CA HIS E 85 -21.29 27.75 8.67
C HIS E 85 -22.33 28.83 8.90
N VAL E 86 -22.87 29.45 7.82
CA VAL E 86 -23.90 30.50 7.90
C VAL E 86 -25.16 30.09 8.65
N THR E 87 -25.55 28.82 8.51
CA THR E 87 -26.73 28.22 9.16
C THR E 87 -26.51 28.07 10.69
N LEU E 88 -25.22 28.01 11.13
CA LEU E 88 -24.88 27.87 12.54
C LEU E 88 -24.71 29.20 13.26
N SER E 89 -25.53 29.39 14.32
CA SER E 89 -25.53 30.58 15.19
C SER E 89 -24.21 30.64 15.95
N GLN E 90 -23.68 29.47 16.34
CA GLN E 90 -22.41 29.31 17.04
C GLN E 90 -21.65 28.11 16.47
N PRO E 91 -20.29 28.03 16.59
CA PRO E 91 -19.57 26.86 16.06
C PRO E 91 -20.06 25.55 16.68
N LYS E 92 -20.34 24.52 15.83
CA LYS E 92 -20.83 23.23 16.30
C LYS E 92 -19.67 22.30 16.63
N ILE E 93 -19.61 21.84 17.90
CA ILE E 93 -18.58 20.94 18.38
C ILE E 93 -19.16 19.54 18.57
N VAL E 94 -18.65 18.57 17.78
CA VAL E 94 -19.05 17.17 17.84
C VAL E 94 -17.85 16.36 18.37
N LYS E 95 -18.01 15.69 19.52
CA LYS E 95 -16.96 14.89 20.16
C LYS E 95 -16.78 13.55 19.45
N TRP E 96 -15.55 13.03 19.42
CA TRP E 96 -15.35 11.72 18.84
C TRP E 96 -15.63 10.65 19.90
N ASP E 97 -16.41 9.65 19.51
CA ASP E 97 -16.77 8.50 20.33
C ASP E 97 -16.48 7.30 19.44
N ARG E 98 -15.67 6.34 19.93
CA ARG E 98 -15.23 5.12 19.23
C ARG E 98 -16.39 4.27 18.69
N ASP E 99 -17.57 4.38 19.35
CA ASP E 99 -18.74 3.62 18.96
C ASP E 99 -19.86 4.39 18.26
N MET E 100 -19.49 5.42 17.46
CA MET E 100 -20.43 6.20 16.64
C MET E 100 -19.77 6.57 15.26
N LYS F 1 -13.91 10.93 -19.58
CA LYS F 1 -13.52 12.14 -20.31
C LYS F 1 -14.61 13.18 -20.25
N VAL F 2 -14.24 14.47 -19.99
CA VAL F 2 -15.19 15.59 -19.99
C VAL F 2 -15.65 15.89 -21.43
N ALA F 3 -16.76 16.61 -21.57
CA ALA F 3 -17.36 17.01 -22.83
C ALA F 3 -16.54 18.12 -23.54
N GLU F 4 -16.71 18.22 -24.88
N GLU F 4 -16.72 18.26 -24.88
CA GLU F 4 -16.07 19.22 -25.73
CA GLU F 4 -16.05 19.28 -25.71
C GLU F 4 -16.97 20.45 -25.88
C GLU F 4 -16.98 20.50 -25.90
N LEU F 5 -18.24 20.31 -25.47
N LEU F 5 -18.17 20.23 -26.46
CA LEU F 5 -19.35 21.26 -25.49
CA LEU F 5 -19.33 21.08 -26.78
C LEU F 5 -19.01 22.62 -24.91
C LEU F 5 -19.27 22.64 -26.73
N VAL F 6 -19.28 23.71 -25.66
N VAL F 6 -19.16 23.25 -25.52
CA VAL F 6 -19.09 25.10 -25.26
CA VAL F 6 -19.20 24.70 -25.22
C VAL F 6 -20.41 25.89 -25.46
C VAL F 6 -20.54 25.42 -25.58
N HIS F 7 -21.38 25.68 -24.54
CA HIS F 7 -22.69 26.37 -24.61
C HIS F 7 -22.92 27.21 -23.35
N PHE F 8 -23.40 28.44 -23.54
CA PHE F 8 -23.64 29.38 -22.44
C PHE F 8 -25.09 29.37 -22.01
N LEU F 9 -25.35 29.63 -20.71
CA LEU F 9 -26.72 29.73 -20.19
C LEU F 9 -27.36 30.99 -20.77
#